data_5J7T
#
_entry.id   5J7T
#
_cell.length_a   104.330
_cell.length_b   196.730
_cell.length_c   226.370
_cell.angle_alpha   90.000
_cell.angle_beta   90.000
_cell.angle_gamma   90.000
#
_symmetry.space_group_name_H-M   'F 2 2 2'
#
_entity_poly.entity_id   1
_entity_poly.type   'polypeptide(L)'
_entity_poly.pdbx_seq_one_letter_code
;TGYVGLKNQGATCYMNSLLQTLFFTNQLRKAVYMMPTEGDDSSKSVPLALQRVFYELQHSDKPVGTKKLTKSFGWETLDS
FMQHDVQELCRVLLDNVENKMKGTCVEGTIPKLFRGKMVSYIQCKEVDYRSDRREDYYDIQLSIKGKKNIFESFVDYVAV
EQLDGDNKYDAGEHGLQEAEKGVKFLTLPPVLHLQLMRFMYDPQTDQNIKINDRFEFPEQLPLDEFLQKTDPKDPANYIL
HAVLVHSGDNHGGHYVVYLNPKGDGKWCKFDDDVVSRCTKEEAIEHNYGGHDDDLSVRHCTNAYMLVYIRESKLSEVLQA
VTDHDIPQQLVERLQEEKRIEAQKRKERQEAHLYMQVQIVAEDQFCGHQGNDMYDEEKVKYTVFKVLKNSSLAEFVQSLS
QTMGFPQDQIRLWPMQARSNGTKRPAMLDNEADGNKTMIELSDNENPWTIFLETVDPELAASGATLPKFDKDHDVMLFLK
MYDPKTRSLNYCGHIYTPISCKIRDLLPVMCDRAGFIQDTSLILYEEVKPNLTERIQDYDVSLDKALDELMDGDIIVFQK
DDPENDNSELPTAKEYFRDLYHRVDVIFCDKTIPNDPGFVVTLSNRMNYFQVAKTVAQRLNTDPMLLQFFKSQGYRDGPG
NPLRHNYEGTLRDLLQFFKPRQPKKLYYQQL
;
_entity_poly.pdbx_strand_id   A
#
# COMPACT_ATOMS: atom_id res chain seq x y z
N THR A 1 9.89 17.88 -25.63
CA THR A 1 9.84 19.28 -25.24
C THR A 1 11.24 19.79 -24.87
N GLY A 2 12.15 18.85 -24.66
CA GLY A 2 13.49 19.20 -24.21
C GLY A 2 13.59 19.11 -22.71
N TYR A 3 12.65 19.75 -22.03
CA TYR A 3 12.57 19.68 -20.57
C TYR A 3 11.84 18.40 -20.16
N VAL A 4 12.42 17.67 -19.22
CA VAL A 4 11.81 16.44 -18.74
C VAL A 4 10.89 16.75 -17.57
N GLY A 5 9.88 15.90 -17.37
CA GLY A 5 8.93 16.10 -16.30
C GLY A 5 9.22 15.26 -15.07
N LEU A 6 8.49 15.53 -14.00
CA LEU A 6 8.60 14.76 -12.76
C LEU A 6 7.50 13.70 -12.73
N LYS A 7 7.80 12.54 -12.15
CA LYS A 7 6.86 11.42 -12.15
C LYS A 7 5.57 11.79 -11.42
N ASN A 8 4.49 11.07 -11.71
CA ASN A 8 3.14 11.44 -11.27
C ASN A 8 2.88 11.76 -9.82
N GLN A 9 2.19 12.87 -9.61
CA GLN A 9 1.93 13.28 -8.27
C GLN A 9 1.02 12.29 -7.60
N GLY A 10 1.50 11.82 -6.46
CA GLY A 10 0.80 10.92 -5.57
C GLY A 10 0.69 11.51 -4.17
N ALA A 11 -0.18 12.49 -4.02
CA ALA A 11 -0.27 13.31 -2.81
C ALA A 11 1.07 13.99 -2.48
N THR A 12 1.92 14.05 -3.49
CA THR A 12 3.14 14.84 -3.47
C THR A 12 2.72 16.30 -3.36
N CYS A 13 1.63 16.60 -4.05
CA CYS A 13 1.12 17.95 -4.18
C CYS A 13 2.11 18.86 -4.91
N TYR A 14 2.22 20.05 -4.37
CA TYR A 14 2.99 21.12 -4.92
C TYR A 14 4.46 20.88 -4.95
N MET A 15 4.93 19.81 -4.34
CA MET A 15 6.35 19.61 -4.30
C MET A 15 6.91 19.62 -5.70
N ASN A 16 6.28 18.94 -6.65
CA ASN A 16 6.83 18.95 -7.99
C ASN A 16 6.86 20.33 -8.59
N SER A 17 5.77 21.07 -8.48
CA SER A 17 5.70 22.41 -9.04
C SER A 17 6.79 23.31 -8.46
N LEU A 18 7.18 23.03 -7.22
CA LEU A 18 8.19 23.82 -6.53
C LEU A 18 9.59 23.42 -6.97
N LEU A 19 9.78 22.12 -7.21
CA LEU A 19 11.08 21.59 -7.63
C LEU A 19 11.48 22.17 -8.98
N GLN A 20 10.55 22.16 -9.92
CA GLN A 20 10.77 22.73 -11.25
C GLN A 20 11.09 24.21 -11.16
N THR A 21 10.40 24.90 -10.26
CA THR A 21 10.62 26.34 -10.05
C THR A 21 12.03 26.61 -9.55
N LEU A 22 12.51 25.73 -8.67
CA LEU A 22 13.86 25.86 -8.13
C LEU A 22 14.90 25.35 -9.12
N PHE A 23 14.54 24.33 -9.88
CA PHE A 23 15.46 23.74 -10.85
C PHE A 23 15.78 24.75 -11.95
N PHE A 24 14.77 25.48 -12.41
CA PHE A 24 14.97 26.46 -13.47
C PHE A 24 15.48 27.78 -12.91
N THR A 25 15.62 27.85 -11.60
CA THR A 25 16.38 28.93 -10.98
C THR A 25 17.85 28.54 -11.11
N ASN A 26 18.42 28.83 -12.28
CA ASN A 26 19.71 28.29 -12.67
C ASN A 26 20.86 28.61 -11.71
N GLN A 27 20.95 29.85 -11.27
CA GLN A 27 22.03 30.27 -10.38
C GLN A 27 21.95 29.51 -9.06
N LEU A 28 20.75 29.13 -8.65
CA LEU A 28 20.55 28.32 -7.47
C LEU A 28 20.99 26.88 -7.72
N ARG A 29 20.61 26.36 -8.88
CA ARG A 29 20.93 24.98 -9.25
C ARG A 29 22.44 24.73 -9.27
N LYS A 30 23.18 25.70 -9.79
CA LYS A 30 24.64 25.60 -9.86
C LYS A 30 25.24 25.53 -8.47
N ALA A 31 24.63 26.24 -7.53
CA ALA A 31 25.09 26.23 -6.14
C ALA A 31 24.76 24.89 -5.48
N VAL A 32 23.66 24.28 -5.91
CA VAL A 32 23.24 22.99 -5.39
C VAL A 32 24.26 21.90 -5.77
N TYR A 33 24.74 21.97 -7.01
CA TYR A 33 25.71 21.02 -7.50
C TYR A 33 27.04 21.13 -6.76
N MET A 34 27.35 22.33 -6.28
CA MET A 34 28.62 22.59 -5.62
C MET A 34 28.52 22.42 -4.10
N MET A 35 27.83 21.36 -3.66
CA MET A 35 27.69 21.08 -2.24
C MET A 35 28.34 19.75 -1.87
N PRO A 36 29.17 19.76 -0.82
CA PRO A 36 29.88 18.57 -0.36
C PRO A 36 28.98 17.56 0.36
N THR A 37 28.39 16.65 -0.40
CA THR A 37 27.50 15.64 0.17
C THR A 37 27.88 14.25 -0.32
N GLU A 38 29.18 14.02 -0.51
CA GLU A 38 29.67 12.72 -0.98
C GLU A 38 29.90 11.76 0.18
N GLY A 39 29.75 12.27 1.40
CA GLY A 39 29.94 11.46 2.59
C GLY A 39 28.71 11.40 3.46
N ASP A 40 27.61 11.96 2.96
CA ASP A 40 26.34 11.97 3.69
C ASP A 40 25.60 10.65 3.53
N ASP A 41 24.43 10.56 4.14
CA ASP A 41 23.62 9.34 4.06
C ASP A 41 22.96 9.23 2.69
N SER A 42 22.83 8.00 2.20
CA SER A 42 22.29 7.75 0.87
C SER A 42 20.77 7.81 0.84
N SER A 43 20.16 7.78 2.02
CA SER A 43 18.70 7.77 2.12
C SER A 43 18.19 8.61 3.29
N LYS A 44 18.98 9.59 3.71
CA LYS A 44 18.58 10.46 4.81
C LYS A 44 19.25 11.83 4.70
N SER A 45 19.71 12.17 3.50
CA SER A 45 20.33 13.46 3.24
C SER A 45 19.51 14.29 2.26
N VAL A 46 18.91 15.37 2.76
CA VAL A 46 18.09 16.25 1.95
C VAL A 46 18.86 16.92 0.79
N PRO A 47 20.07 17.45 1.04
CA PRO A 47 20.75 18.11 -0.09
C PRO A 47 21.10 17.16 -1.23
N LEU A 48 21.59 15.97 -0.91
CA LEU A 48 21.88 14.97 -1.93
C LEU A 48 20.62 14.57 -2.68
N ALA A 49 19.50 14.51 -1.96
CA ALA A 49 18.22 14.17 -2.57
C ALA A 49 17.84 15.19 -3.63
N LEU A 50 18.13 16.46 -3.37
CA LEU A 50 17.90 17.52 -4.34
C LEU A 50 18.87 17.41 -5.50
N GLN A 51 20.13 17.13 -5.18
CA GLN A 51 21.17 16.96 -6.18
C GLN A 51 20.83 15.81 -7.14
N ARG A 52 20.17 14.78 -6.61
CA ARG A 52 19.71 13.67 -7.45
C ARG A 52 18.65 14.15 -8.42
N VAL A 53 17.62 14.79 -7.88
CA VAL A 53 16.48 15.25 -8.68
C VAL A 53 16.91 16.28 -9.72
N PHE A 54 17.73 17.25 -9.31
CA PHE A 54 18.22 18.27 -10.23
C PHE A 54 19.07 17.66 -11.34
N TYR A 55 19.91 16.70 -10.99
CA TYR A 55 20.76 16.03 -11.98
C TYR A 55 19.90 15.28 -13.00
N GLU A 56 18.89 14.56 -12.51
CA GLU A 56 18.01 13.80 -13.38
C GLU A 56 17.19 14.73 -14.28
N LEU A 57 16.69 15.82 -13.71
CA LEU A 57 15.91 16.79 -14.46
C LEU A 57 16.72 17.43 -15.59
N GLN A 58 18.04 17.39 -15.47
CA GLN A 58 18.92 18.04 -16.44
C GLN A 58 19.36 17.06 -17.53
N HIS A 59 19.56 15.80 -17.15
CA HIS A 59 20.13 14.81 -18.06
C HIS A 59 19.13 13.75 -18.53
N SER A 60 18.33 13.24 -17.60
CA SER A 60 17.42 12.14 -17.91
C SER A 60 16.35 12.52 -18.93
N ASP A 61 15.90 11.54 -19.70
CA ASP A 61 14.81 11.73 -20.65
C ASP A 61 13.55 11.05 -20.13
N LYS A 62 13.71 10.28 -19.05
CA LYS A 62 12.60 9.62 -18.39
C LYS A 62 12.05 10.51 -17.28
N PRO A 63 10.74 10.41 -17.00
CA PRO A 63 10.11 11.17 -15.90
C PRO A 63 10.82 10.97 -14.57
N VAL A 64 11.39 12.05 -14.05
CA VAL A 64 12.18 12.01 -12.82
C VAL A 64 11.35 11.67 -11.58
N GLY A 65 11.79 10.67 -10.83
CA GLY A 65 11.11 10.27 -9.61
C GLY A 65 11.56 11.08 -8.40
N THR A 66 10.70 11.15 -7.40
CA THR A 66 11.00 11.90 -6.18
C THR A 66 10.81 11.05 -4.94
N LYS A 67 11.02 9.74 -5.06
CA LYS A 67 10.88 8.88 -3.90
C LYS A 67 11.90 9.31 -2.87
N LYS A 68 13.16 9.26 -3.27
CA LYS A 68 14.25 9.48 -2.32
C LYS A 68 14.11 10.78 -1.55
N LEU A 69 13.51 11.79 -2.19
CA LEU A 69 13.42 13.13 -1.60
C LEU A 69 12.47 13.16 -0.40
N THR A 70 11.31 12.54 -0.54
CA THR A 70 10.28 12.57 0.51
C THR A 70 10.73 11.85 1.77
N LYS A 71 11.65 10.91 1.62
CA LYS A 71 12.12 10.11 2.75
C LYS A 71 13.13 10.89 3.61
N SER A 72 13.71 11.93 3.02
CA SER A 72 14.82 12.63 3.63
C SER A 72 14.41 13.65 4.69
N PHE A 73 13.12 13.97 4.77
CA PHE A 73 12.66 14.99 5.70
C PHE A 73 11.28 14.73 6.28
N GLY A 74 10.90 13.45 6.38
CA GLY A 74 9.73 13.04 7.13
C GLY A 74 8.38 13.51 6.64
N TRP A 75 8.31 14.01 5.41
CA TRP A 75 7.03 14.40 4.83
C TRP A 75 6.49 13.29 3.94
N GLU A 76 6.91 12.06 4.21
CA GLU A 76 6.51 10.90 3.42
C GLU A 76 5.09 10.45 3.79
N THR A 77 4.53 11.06 4.83
CA THR A 77 3.15 10.78 5.22
C THR A 77 2.21 11.25 4.11
N LEU A 78 1.20 10.44 3.82
CA LEU A 78 0.31 10.68 2.69
C LEU A 78 -0.70 11.80 2.96
N ASP A 79 -0.57 12.48 4.10
CA ASP A 79 -1.50 13.54 4.46
C ASP A 79 -0.78 14.77 5.02
N SER A 80 0.50 14.62 5.33
CA SER A 80 1.28 15.72 5.91
C SER A 80 1.80 16.67 4.83
N PHE A 81 0.89 17.30 4.11
CA PHE A 81 1.26 18.25 3.07
C PHE A 81 0.39 19.51 3.11
N MET A 82 -0.93 19.31 3.24
CA MET A 82 -1.85 20.43 3.32
C MET A 82 -1.77 21.13 4.67
N GLN A 83 -1.09 20.48 5.62
CA GLN A 83 -0.81 21.10 6.90
C GLN A 83 0.10 22.30 6.69
N HIS A 84 0.95 22.20 5.69
CA HIS A 84 1.83 23.30 5.28
C HIS A 84 1.44 23.77 3.89
N ASP A 85 2.31 24.55 3.27
CA ASP A 85 2.10 24.96 1.88
C ASP A 85 3.41 25.28 1.19
N VAL A 86 3.32 25.90 0.02
CA VAL A 86 4.49 26.19 -0.79
C VAL A 86 5.53 27.04 -0.09
N GLN A 87 5.08 28.10 0.59
CA GLN A 87 5.98 29.00 1.29
C GLN A 87 6.74 28.30 2.41
N GLU A 88 6.14 27.24 2.95
CA GLU A 88 6.76 26.51 4.05
C GLU A 88 7.77 25.47 3.54
N LEU A 89 7.38 24.70 2.53
CA LEU A 89 8.29 23.72 1.93
C LEU A 89 9.51 24.44 1.35
N CYS A 90 9.26 25.58 0.72
CA CYS A 90 10.34 26.38 0.15
C CYS A 90 11.29 26.86 1.24
N ARG A 91 10.74 27.14 2.41
CA ARG A 91 11.55 27.55 3.55
C ARG A 91 12.31 26.36 4.15
N VAL A 92 11.70 25.18 4.06
CA VAL A 92 12.33 23.98 4.59
C VAL A 92 13.60 23.63 3.83
N LEU A 93 13.48 23.56 2.50
CA LEU A 93 14.59 23.17 1.65
C LEU A 93 15.70 24.22 1.63
N LEU A 94 15.34 25.48 1.41
CA LEU A 94 16.32 26.55 1.27
C LEU A 94 17.10 26.79 2.57
N ASP A 95 16.42 26.70 3.71
CA ASP A 95 17.09 26.85 4.99
C ASP A 95 17.87 25.61 5.36
N ASN A 96 17.63 24.51 4.63
CA ASN A 96 18.40 23.29 4.80
C ASN A 96 19.63 23.31 3.91
N VAL A 97 19.53 24.00 2.78
CA VAL A 97 20.65 24.19 1.88
C VAL A 97 21.56 25.31 2.37
N GLU A 98 20.94 26.41 2.78
CA GLU A 98 21.67 27.52 3.37
C GLU A 98 22.51 27.04 4.56
N ASN A 99 21.92 26.18 5.38
CA ASN A 99 22.61 25.57 6.50
C ASN A 99 23.74 24.66 6.06
N LYS A 100 23.60 24.08 4.87
CA LYS A 100 24.55 23.10 4.36
C LYS A 100 25.60 23.73 3.44
N MET A 101 25.51 25.03 3.22
CA MET A 101 26.46 25.73 2.36
C MET A 101 27.36 26.68 3.14
N LYS A 102 27.07 26.87 4.42
CA LYS A 102 27.87 27.75 5.26
C LYS A 102 29.27 27.19 5.47
N GLY A 103 30.24 27.74 4.74
CA GLY A 103 31.61 27.28 4.81
C GLY A 103 32.13 26.87 3.44
N THR A 104 31.21 26.62 2.52
CA THR A 104 31.57 26.23 1.15
C THR A 104 31.84 27.46 0.31
N CYS A 105 32.28 27.26 -0.93
CA CYS A 105 32.57 28.35 -1.85
C CYS A 105 31.29 29.09 -2.24
N VAL A 106 30.15 28.40 -2.15
CA VAL A 106 28.87 29.00 -2.47
C VAL A 106 28.10 29.36 -1.20
N GLU A 107 28.83 29.81 -0.19
CA GLU A 107 28.23 30.20 1.08
C GLU A 107 27.36 31.45 0.94
N GLY A 108 26.12 31.36 1.42
CA GLY A 108 25.21 32.48 1.39
C GLY A 108 24.67 32.76 0.00
N THR A 109 24.34 31.69 -0.72
CA THR A 109 23.77 31.83 -2.05
C THR A 109 22.27 32.08 -1.96
N ILE A 110 21.63 31.44 -0.99
CA ILE A 110 20.19 31.61 -0.78
C ILE A 110 19.80 33.06 -0.41
N PRO A 111 20.53 33.70 0.54
CA PRO A 111 20.12 35.08 0.84
C PRO A 111 20.39 36.07 -0.30
N LYS A 112 21.36 35.75 -1.16
CA LYS A 112 21.71 36.65 -2.25
C LYS A 112 20.58 36.72 -3.29
N LEU A 113 19.84 35.62 -3.41
CA LEU A 113 18.80 35.53 -4.44
C LEU A 113 17.39 35.84 -3.91
N PHE A 114 17.10 35.39 -2.69
CA PHE A 114 15.74 35.46 -2.18
C PHE A 114 15.55 36.52 -1.09
N ARG A 115 16.59 36.78 -0.31
CA ARG A 115 16.47 37.69 0.83
C ARG A 115 16.42 39.16 0.41
N GLY A 116 15.47 39.88 0.99
CA GLY A 116 15.36 41.32 0.82
C GLY A 116 15.24 42.00 2.17
N LYS A 117 15.35 43.33 2.18
CA LYS A 117 15.28 44.07 3.43
C LYS A 117 13.90 44.70 3.62
N MET A 118 13.36 44.55 4.82
CA MET A 118 12.05 45.07 5.16
C MET A 118 12.06 45.72 6.54
N VAL A 119 11.40 46.88 6.65
CA VAL A 119 11.35 47.60 7.91
C VAL A 119 9.92 47.86 8.37
N SER A 120 9.59 47.37 9.57
CA SER A 120 8.31 47.66 10.19
C SER A 120 8.46 48.79 11.19
N TYR A 121 7.67 49.84 11.02
CA TYR A 121 7.80 51.03 11.85
C TYR A 121 6.54 51.32 12.66
N ILE A 122 6.73 52.00 13.79
CA ILE A 122 5.62 52.41 14.64
C ILE A 122 5.82 53.87 15.08
N GLN A 123 4.97 54.76 14.58
CA GLN A 123 5.07 56.17 14.90
C GLN A 123 3.90 56.64 15.75
N CYS A 124 4.19 57.18 16.92
CA CYS A 124 3.16 57.65 17.84
C CYS A 124 2.55 58.97 17.38
N LYS A 125 1.35 59.26 17.85
CA LYS A 125 0.64 60.48 17.47
C LYS A 125 1.19 61.69 18.21
N GLU A 126 1.18 61.63 19.54
CA GLU A 126 1.67 62.74 20.35
C GLU A 126 3.18 62.66 20.55
N VAL A 127 3.63 61.60 21.22
CA VAL A 127 5.05 61.41 21.48
C VAL A 127 5.80 61.07 20.21
N ASP A 128 7.13 61.10 20.28
CA ASP A 128 7.94 60.90 19.10
C ASP A 128 8.90 59.78 19.45
N TYR A 129 8.31 58.62 19.74
CA TYR A 129 9.08 57.41 19.98
C TYR A 129 8.81 56.36 18.91
N ARG A 130 9.80 56.15 18.04
CA ARG A 130 9.64 55.24 16.91
C ARG A 130 10.10 53.83 17.28
N SER A 131 9.66 52.85 16.49
CA SER A 131 10.04 51.46 16.72
C SER A 131 10.56 50.80 15.44
N ASP A 132 11.77 51.18 15.05
CA ASP A 132 12.38 50.66 13.82
C ASP A 132 12.82 49.21 13.98
N ARG A 133 11.88 48.29 13.75
CA ARG A 133 12.20 46.86 13.77
C ARG A 133 12.54 46.40 12.36
N ARG A 134 13.77 45.96 12.16
CA ARG A 134 14.24 45.56 10.83
C ARG A 134 14.30 44.04 10.69
N GLU A 135 13.73 43.54 9.60
CA GLU A 135 13.69 42.10 9.35
C GLU A 135 14.02 41.77 7.90
N ASP A 136 14.43 40.52 7.67
CA ASP A 136 14.64 40.02 6.31
C ASP A 136 13.44 39.18 5.89
N TYR A 137 13.34 38.87 4.61
CA TYR A 137 12.24 38.05 4.10
C TYR A 137 12.65 37.25 2.86
N TYR A 138 12.16 36.02 2.78
CA TYR A 138 12.40 35.17 1.63
C TYR A 138 11.13 35.05 0.80
N ASP A 139 9.99 34.97 1.50
CA ASP A 139 8.70 34.82 0.84
C ASP A 139 7.75 35.95 1.24
N ILE A 140 7.01 36.47 0.27
CA ILE A 140 6.05 37.54 0.52
C ILE A 140 4.62 37.03 0.36
N GLN A 141 3.82 37.18 1.41
CA GLN A 141 2.43 36.76 1.38
C GLN A 141 1.53 37.94 1.00
N LEU A 142 0.62 37.72 0.06
CA LEU A 142 -0.25 38.78 -0.41
C LEU A 142 -1.72 38.45 -0.19
N SER A 143 -2.52 39.48 0.03
CA SER A 143 -3.95 39.32 0.22
C SER A 143 -4.66 39.18 -1.11
N ILE A 144 -5.77 38.43 -1.11
CA ILE A 144 -6.51 38.19 -2.34
C ILE A 144 -7.91 38.80 -2.29
N LYS A 145 -8.58 38.62 -1.16
CA LYS A 145 -9.94 39.10 -0.99
C LYS A 145 -10.03 40.62 -1.14
N GLY A 146 -10.78 41.06 -2.14
CA GLY A 146 -10.99 42.48 -2.38
C GLY A 146 -9.92 43.09 -3.27
N LYS A 147 -9.01 42.26 -3.76
CA LYS A 147 -7.93 42.73 -4.61
C LYS A 147 -8.22 42.45 -6.08
N LYS A 148 -7.78 43.36 -6.95
CA LYS A 148 -7.99 43.21 -8.38
C LYS A 148 -6.69 42.80 -9.07
N ASN A 149 -5.58 43.34 -8.57
CA ASN A 149 -4.27 43.10 -9.18
C ASN A 149 -3.12 43.23 -8.17
N ILE A 150 -1.92 42.94 -8.64
CA ILE A 150 -0.73 43.05 -7.81
C ILE A 150 -0.53 44.48 -7.30
N PHE A 151 -0.80 45.45 -8.17
CA PHE A 151 -0.62 46.86 -7.85
C PHE A 151 -1.46 47.29 -6.64
N GLU A 152 -2.59 46.63 -6.44
CA GLU A 152 -3.46 46.92 -5.30
C GLU A 152 -3.02 46.22 -4.04
N SER A 153 -2.80 44.91 -4.14
CA SER A 153 -2.41 44.10 -2.99
C SER A 153 -1.08 44.55 -2.40
N PHE A 154 -0.20 45.07 -3.25
CA PHE A 154 1.10 45.57 -2.81
C PHE A 154 0.93 46.83 -1.96
N VAL A 155 -0.09 47.63 -2.30
CA VAL A 155 -0.39 48.83 -1.52
C VAL A 155 -0.99 48.44 -0.17
N ASP A 156 -1.84 47.42 -0.17
CA ASP A 156 -2.47 46.93 1.05
C ASP A 156 -1.43 46.42 2.04
N TYR A 157 -0.33 45.88 1.53
CA TYR A 157 0.73 45.35 2.36
C TYR A 157 1.50 46.46 3.06
N VAL A 158 1.64 47.60 2.40
CA VAL A 158 2.35 48.74 2.95
C VAL A 158 1.40 49.80 3.48
N ALA A 159 0.14 49.42 3.70
CA ALA A 159 -0.88 50.33 4.20
C ALA A 159 -0.59 50.72 5.65
N VAL A 160 -0.80 52.00 5.98
CA VAL A 160 -0.55 52.49 7.32
C VAL A 160 -1.71 52.17 8.26
N GLU A 161 -1.40 51.49 9.35
CA GLU A 161 -2.41 51.04 10.31
C GLU A 161 -2.68 52.11 11.36
N GLN A 162 -3.88 52.09 11.91
CA GLN A 162 -4.22 52.99 13.01
C GLN A 162 -4.53 52.19 14.26
N LEU A 163 -4.33 52.80 15.42
CA LEU A 163 -4.52 52.10 16.69
C LEU A 163 -5.50 52.82 17.60
N ASP A 164 -6.78 52.73 17.26
CA ASP A 164 -7.82 53.21 18.15
C ASP A 164 -8.81 52.11 18.54
N GLY A 165 -9.69 52.44 19.48
CA GLY A 165 -10.74 51.54 19.93
C GLY A 165 -10.24 50.47 20.89
N ASP A 166 -9.58 50.92 21.95
CA ASP A 166 -9.04 50.07 23.02
C ASP A 166 -7.82 49.26 22.53
N ASN A 167 -7.41 49.49 21.30
CA ASN A 167 -6.16 48.91 20.79
C ASN A 167 -5.08 49.98 20.67
N LYS A 168 -4.19 50.06 21.65
CA LYS A 168 -3.18 51.12 21.66
C LYS A 168 -1.78 50.59 21.97
N TYR A 169 -0.77 51.25 21.39
CA TYR A 169 0.60 50.82 21.53
C TYR A 169 1.12 50.94 22.96
N ASP A 170 1.66 49.84 23.47
CA ASP A 170 2.22 49.81 24.82
C ASP A 170 3.61 50.42 24.83
N ALA A 171 3.68 51.75 24.94
CA ALA A 171 4.95 52.46 24.91
C ALA A 171 5.78 52.18 26.15
N GLY A 172 5.11 51.99 27.28
CA GLY A 172 5.80 51.71 28.53
C GLY A 172 5.68 52.86 29.52
N GLU A 173 6.65 53.76 29.50
CA GLU A 173 6.65 54.92 30.39
C GLU A 173 5.60 55.93 29.95
N HIS A 174 5.28 55.92 28.66
CA HIS A 174 4.28 56.83 28.11
C HIS A 174 2.90 56.21 28.14
N GLY A 175 2.80 55.00 28.68
CA GLY A 175 1.53 54.31 28.79
C GLY A 175 1.06 53.74 27.47
N LEU A 176 -0.24 53.82 27.23
CA LEU A 176 -0.83 53.31 25.99
C LEU A 176 -1.10 54.44 25.00
N GLN A 177 -0.15 54.68 24.12
CA GLN A 177 -0.26 55.75 23.12
C GLN A 177 -0.86 55.24 21.82
N GLU A 178 -1.66 56.09 21.17
CA GLU A 178 -2.22 55.76 19.87
C GLU A 178 -1.18 56.01 18.78
N ALA A 179 -0.86 54.97 18.00
CA ALA A 179 0.20 55.07 17.01
C ALA A 179 -0.18 54.40 15.69
N GLU A 180 0.84 54.15 14.87
CA GLU A 180 0.66 53.47 13.59
C GLU A 180 1.52 52.21 13.54
N LYS A 181 1.27 51.37 12.54
CA LYS A 181 2.05 50.15 12.39
C LYS A 181 2.01 49.65 10.95
N GLY A 182 2.59 50.44 10.05
CA GLY A 182 2.66 50.07 8.65
C GLY A 182 4.00 49.44 8.31
N VAL A 183 4.13 48.98 7.07
CA VAL A 183 5.35 48.32 6.63
C VAL A 183 5.98 49.03 5.43
N LYS A 184 7.30 49.13 5.41
CA LYS A 184 8.02 49.72 4.30
C LYS A 184 9.15 48.81 3.83
N PHE A 185 9.60 49.03 2.59
CA PHE A 185 10.68 48.22 2.03
C PHE A 185 11.98 49.00 1.89
N LEU A 186 13.10 48.30 2.05
CA LEU A 186 14.41 48.88 1.77
C LEU A 186 14.94 48.37 0.45
N THR A 187 15.07 47.06 0.33
CA THR A 187 15.57 46.43 -0.88
C THR A 187 14.64 45.33 -1.38
N LEU A 188 14.65 45.10 -2.69
CA LEU A 188 13.90 44.00 -3.28
C LEU A 188 14.84 43.00 -3.93
N PRO A 189 14.74 41.73 -3.50
CA PRO A 189 15.63 40.65 -3.96
C PRO A 189 15.46 40.34 -5.45
N PRO A 190 16.48 39.74 -6.07
CA PRO A 190 16.42 39.34 -7.49
C PRO A 190 15.26 38.40 -7.79
N VAL A 191 15.03 37.44 -6.89
CA VAL A 191 13.95 36.47 -7.06
C VAL A 191 12.83 36.70 -6.05
N LEU A 192 11.64 37.01 -6.54
CA LEU A 192 10.49 37.29 -5.67
C LEU A 192 9.52 36.12 -5.61
N HIS A 193 9.48 35.43 -4.48
CA HIS A 193 8.49 34.38 -4.26
C HIS A 193 7.23 34.97 -3.62
N LEU A 194 6.20 35.17 -4.43
CA LEU A 194 4.97 35.77 -3.96
C LEU A 194 3.86 34.74 -3.82
N GLN A 195 3.61 34.29 -2.60
CA GLN A 195 2.52 33.36 -2.35
C GLN A 195 1.21 34.11 -2.18
N LEU A 196 0.15 33.57 -2.75
CA LEU A 196 -1.10 34.26 -2.73
C LEU A 196 -2.05 33.62 -1.76
N MET A 197 -2.71 34.44 -0.97
CA MET A 197 -3.48 33.92 0.11
C MET A 197 -4.80 33.48 -0.44
N ARG A 198 -4.81 32.29 -1.03
CA ARG A 198 -6.04 31.71 -1.53
C ARG A 198 -6.59 30.61 -0.65
N PHE A 199 -5.80 30.13 0.30
CA PHE A 199 -6.26 29.08 1.21
C PHE A 199 -6.45 29.62 2.61
N MET A 200 -7.13 30.76 2.71
CA MET A 200 -7.45 31.34 4.01
C MET A 200 -8.43 30.44 4.76
N TYR A 201 -8.25 30.34 6.07
CA TYR A 201 -9.06 29.44 6.87
C TYR A 201 -10.49 29.95 7.04
N ASP A 202 -11.41 29.04 7.33
CA ASP A 202 -12.83 29.38 7.46
C ASP A 202 -13.35 29.11 8.86
N PRO A 203 -13.24 30.10 9.75
CA PRO A 203 -13.84 29.99 11.08
C PRO A 203 -15.21 30.66 11.14
N GLN A 204 -16.27 29.89 11.37
CA GLN A 204 -16.24 28.45 11.55
C GLN A 204 -17.42 27.88 10.75
N THR A 205 -17.40 26.62 10.29
CA THR A 205 -16.37 25.59 10.46
C THR A 205 -16.70 24.54 9.38
N ASP A 206 -15.75 23.78 8.85
CA ASP A 206 -14.31 23.86 9.10
C ASP A 206 -13.61 23.39 7.82
N GLN A 207 -12.38 23.84 7.57
CA GLN A 207 -11.67 24.81 8.40
C GLN A 207 -10.99 25.82 7.48
N ASN A 208 -10.75 25.40 6.24
CA ASN A 208 -10.14 26.26 5.23
C ASN A 208 -10.93 26.21 3.92
N ILE A 209 -11.14 27.37 3.32
CA ILE A 209 -11.79 27.46 2.02
C ILE A 209 -10.90 28.16 1.00
N LYS A 210 -11.15 27.89 -0.28
CA LYS A 210 -10.36 28.47 -1.35
C LYS A 210 -11.10 29.62 -2.04
N ILE A 211 -10.43 30.74 -2.20
CA ILE A 211 -11.01 31.92 -2.83
C ILE A 211 -10.70 31.95 -4.33
N ASN A 212 -11.74 31.77 -5.15
CA ASN A 212 -11.56 31.75 -6.60
C ASN A 212 -11.81 33.11 -7.25
N ASP A 213 -11.56 34.18 -6.50
CA ASP A 213 -11.74 35.53 -7.03
C ASP A 213 -10.73 35.83 -8.14
N ARG A 214 -11.12 36.68 -9.07
CA ARG A 214 -10.27 37.01 -10.21
C ARG A 214 -9.17 37.99 -9.81
N PHE A 215 -7.96 37.46 -9.63
CA PHE A 215 -6.81 38.28 -9.27
C PHE A 215 -5.81 38.33 -10.42
N GLU A 216 -5.45 39.55 -10.82
CA GLU A 216 -4.57 39.74 -11.98
C GLU A 216 -3.11 39.87 -11.57
N PHE A 217 -2.23 39.56 -12.52
CA PHE A 217 -0.79 39.75 -12.34
C PHE A 217 -0.12 39.94 -13.69
N PRO A 218 0.73 40.97 -13.80
CA PRO A 218 1.36 41.34 -15.08
C PRO A 218 2.62 40.53 -15.38
N GLU A 219 3.01 40.51 -16.65
CA GLU A 219 4.27 39.88 -17.05
C GLU A 219 5.42 40.79 -16.65
N GLN A 220 5.18 42.09 -16.71
CA GLN A 220 6.16 43.09 -16.29
C GLN A 220 5.67 43.80 -15.04
N LEU A 221 6.45 43.73 -13.96
CA LEU A 221 6.01 44.26 -12.68
C LEU A 221 6.99 45.31 -12.12
N PRO A 222 6.71 46.60 -12.39
CA PRO A 222 7.48 47.71 -11.82
C PRO A 222 7.19 47.87 -10.33
N LEU A 223 8.24 47.85 -9.52
CA LEU A 223 8.08 47.94 -8.08
C LEU A 223 9.04 48.93 -7.44
N ASP A 224 9.49 49.91 -8.22
CA ASP A 224 10.44 50.89 -7.73
C ASP A 224 9.73 51.99 -6.93
N GLU A 225 8.40 51.97 -6.98
CA GLU A 225 7.60 52.96 -6.27
C GLU A 225 7.06 52.42 -4.94
N PHE A 226 7.73 51.41 -4.40
CA PHE A 226 7.31 50.80 -3.15
C PHE A 226 8.47 50.71 -2.16
N LEU A 227 9.63 51.24 -2.57
CA LEU A 227 10.79 51.30 -1.70
C LEU A 227 10.83 52.64 -0.96
N GLN A 228 11.70 52.74 0.04
CA GLN A 228 11.88 54.00 0.75
C GLN A 228 12.49 55.04 -0.19
N LYS A 229 13.51 54.62 -0.93
CA LYS A 229 14.14 55.47 -1.93
C LYS A 229 14.32 54.71 -3.24
N THR A 230 14.03 55.38 -4.35
CA THR A 230 14.23 54.79 -5.67
C THR A 230 15.72 54.59 -5.94
N ASP A 231 16.03 53.72 -6.90
CA ASP A 231 17.42 53.43 -7.22
C ASP A 231 17.64 53.45 -8.73
N PRO A 232 18.16 54.56 -9.26
CA PRO A 232 18.46 54.70 -10.69
C PRO A 232 19.54 53.72 -11.14
N LYS A 233 19.60 53.46 -12.44
CA LYS A 233 20.54 52.50 -13.03
C LYS A 233 20.29 51.08 -12.52
N ASP A 234 19.20 50.90 -11.79
CA ASP A 234 18.78 49.59 -11.28
C ASP A 234 17.33 49.65 -10.83
N PRO A 235 16.39 49.84 -11.79
CA PRO A 235 14.97 49.93 -11.41
C PRO A 235 14.43 48.60 -10.92
N ALA A 236 13.36 48.64 -10.13
CA ALA A 236 12.75 47.42 -9.61
C ALA A 236 11.70 46.89 -10.56
N ASN A 237 12.07 46.76 -11.84
CA ASN A 237 11.18 46.16 -12.82
C ASN A 237 11.39 44.66 -12.87
N TYR A 238 10.32 43.90 -12.63
CA TYR A 238 10.42 42.45 -12.54
C TYR A 238 9.67 41.74 -13.65
N ILE A 239 10.21 40.60 -14.07
CA ILE A 239 9.62 39.80 -15.13
C ILE A 239 9.06 38.48 -14.57
N LEU A 240 7.86 38.13 -15.00
CA LEU A 240 7.21 36.89 -14.54
C LEU A 240 8.01 35.66 -14.96
N HIS A 241 8.20 34.73 -14.04
CA HIS A 241 9.00 33.53 -14.31
C HIS A 241 8.20 32.25 -14.10
N ALA A 242 7.64 32.07 -12.91
CA ALA A 242 6.90 30.86 -12.59
C ALA A 242 5.48 31.16 -12.12
N VAL A 243 4.54 30.31 -12.54
CA VAL A 243 3.15 30.44 -12.12
C VAL A 243 2.62 29.10 -11.62
N LEU A 244 2.55 28.95 -10.30
CA LEU A 244 2.04 27.72 -9.69
C LEU A 244 0.52 27.77 -9.61
N VAL A 245 -0.13 26.71 -10.08
CA VAL A 245 -1.57 26.71 -10.24
C VAL A 245 -2.24 25.55 -9.51
N HIS A 246 -3.51 25.73 -9.14
CA HIS A 246 -4.28 24.69 -8.48
C HIS A 246 -5.68 24.58 -9.11
N SER A 247 -6.20 23.35 -9.16
CA SER A 247 -7.54 23.11 -9.67
C SER A 247 -8.31 22.15 -8.77
N GLY A 248 -9.39 22.63 -8.19
CA GLY A 248 -10.19 21.83 -7.28
C GLY A 248 -10.59 22.64 -6.06
N ASP A 249 -10.18 22.18 -4.88
CA ASP A 249 -10.47 22.89 -3.63
C ASP A 249 -9.46 22.54 -2.55
N ASN A 250 -9.71 22.99 -1.33
CA ASN A 250 -8.83 22.75 -0.20
C ASN A 250 -8.71 21.27 0.14
N HIS A 251 -9.84 20.58 0.17
CA HIS A 251 -9.85 19.16 0.51
C HIS A 251 -9.80 18.28 -0.74
N GLY A 252 -8.85 18.56 -1.62
CA GLY A 252 -8.67 17.78 -2.83
C GLY A 252 -8.49 18.64 -4.06
N GLY A 253 -7.39 18.42 -4.78
CA GLY A 253 -7.10 19.19 -5.98
C GLY A 253 -5.97 18.63 -6.81
N HIS A 254 -5.56 19.39 -7.82
CA HIS A 254 -4.47 19.04 -8.72
C HIS A 254 -3.51 20.19 -8.92
N TYR A 255 -2.21 19.94 -8.87
CA TYR A 255 -1.22 21.02 -8.98
C TYR A 255 -0.41 20.97 -10.28
N VAL A 256 -0.31 22.12 -10.94
CA VAL A 256 0.54 22.27 -12.12
C VAL A 256 1.31 23.58 -12.02
N VAL A 257 2.27 23.78 -12.92
CA VAL A 257 3.06 25.01 -12.93
C VAL A 257 3.41 25.45 -14.35
N TYR A 258 3.11 26.71 -14.66
CA TYR A 258 3.50 27.28 -15.94
C TYR A 258 4.82 28.03 -15.77
N LEU A 259 5.84 27.58 -16.49
CA LEU A 259 7.18 28.12 -16.33
C LEU A 259 7.71 28.82 -17.57
N ASN A 260 8.53 29.84 -17.35
CA ASN A 260 9.26 30.54 -18.40
C ASN A 260 10.76 30.33 -18.17
N PRO A 261 11.26 29.13 -18.46
CA PRO A 261 12.62 28.72 -18.05
C PRO A 261 13.81 29.58 -18.43
N LYS A 262 13.88 30.07 -19.65
CA LYS A 262 14.99 30.95 -20.00
C LYS A 262 14.58 32.41 -20.02
N GLY A 263 13.37 32.69 -19.54
CA GLY A 263 12.87 34.06 -19.43
C GLY A 263 12.86 34.80 -20.75
N ASP A 264 12.34 34.14 -21.79
CA ASP A 264 12.33 34.73 -23.13
C ASP A 264 10.91 34.86 -23.68
N GLY A 265 9.93 34.44 -22.89
CA GLY A 265 8.54 34.53 -23.29
C GLY A 265 7.98 33.20 -23.75
N LYS A 266 8.85 32.21 -23.89
CA LYS A 266 8.44 30.87 -24.31
C LYS A 266 8.00 30.05 -23.11
N TRP A 267 6.68 29.94 -22.92
CA TRP A 267 6.13 29.27 -21.73
C TRP A 267 5.92 27.78 -21.95
N CYS A 268 5.92 27.03 -20.85
CA CYS A 268 5.67 25.60 -20.89
C CYS A 268 4.84 25.15 -19.68
N LYS A 269 3.86 24.29 -19.92
CA LYS A 269 3.02 23.76 -18.86
C LYS A 269 3.62 22.46 -18.30
N PHE A 270 4.11 22.52 -17.07
CA PHE A 270 4.71 21.37 -16.42
C PHE A 270 3.69 20.57 -15.59
N ASP A 271 2.82 19.84 -16.27
CA ASP A 271 1.89 19.02 -15.56
C ASP A 271 2.53 17.67 -15.34
N ASP A 272 3.22 17.55 -14.24
CA ASP A 272 3.81 16.30 -13.84
C ASP A 272 4.69 15.77 -14.94
N ASP A 273 4.42 14.57 -15.39
CA ASP A 273 5.27 13.89 -16.36
C ASP A 273 4.98 14.34 -17.79
N VAL A 274 4.06 15.27 -17.94
CA VAL A 274 3.69 15.75 -19.27
C VAL A 274 4.05 17.22 -19.46
N VAL A 275 5.20 17.48 -20.05
CA VAL A 275 5.62 18.84 -20.35
C VAL A 275 5.23 19.22 -21.78
N SER A 276 4.55 20.35 -21.91
CA SER A 276 4.06 20.79 -23.20
C SER A 276 4.21 22.29 -23.37
N ARG A 277 4.24 22.74 -24.62
CA ARG A 277 4.25 24.17 -24.93
C ARG A 277 2.86 24.76 -24.69
N CYS A 278 2.83 26.04 -24.37
CA CYS A 278 1.57 26.72 -24.13
C CYS A 278 1.69 28.20 -24.45
N THR A 279 0.55 28.87 -24.61
CA THR A 279 0.55 30.28 -24.92
C THR A 279 0.77 31.11 -23.67
N LYS A 280 1.02 32.41 -23.87
CA LYS A 280 1.24 33.32 -22.77
C LYS A 280 -0.07 33.60 -22.04
N GLU A 281 -1.16 33.68 -22.79
CA GLU A 281 -2.48 33.84 -22.20
C GLU A 281 -2.87 32.62 -21.40
N GLU A 282 -2.43 31.45 -21.86
CA GLU A 282 -2.75 30.19 -21.20
C GLU A 282 -2.00 30.06 -19.87
N ALA A 283 -0.94 30.82 -19.73
CA ALA A 283 -0.11 30.77 -18.53
C ALA A 283 -0.40 31.91 -17.57
N ILE A 284 -0.90 33.03 -18.09
CA ILE A 284 -1.13 34.22 -17.28
C ILE A 284 -2.61 34.56 -17.14
N GLU A 285 -3.20 35.06 -18.23
CA GLU A 285 -4.58 35.56 -18.19
C GLU A 285 -5.61 34.48 -17.88
N HIS A 286 -5.27 33.23 -18.17
CA HIS A 286 -6.18 32.12 -17.91
C HIS A 286 -6.05 31.63 -16.46
N ASN A 287 -5.13 32.22 -15.71
CA ASN A 287 -4.91 31.81 -14.33
C ASN A 287 -5.29 32.88 -13.32
N TYR A 288 -6.12 33.83 -13.74
CA TYR A 288 -6.58 34.89 -12.84
C TYR A 288 -7.67 34.36 -11.91
N GLY A 289 -8.60 33.60 -12.47
CA GLY A 289 -9.71 33.05 -11.69
C GLY A 289 -11.02 33.73 -12.03
N GLY A 290 -12.05 33.44 -11.23
CA GLY A 290 -13.37 33.99 -11.47
C GLY A 290 -14.47 32.95 -11.38
N HIS A 291 -14.22 31.78 -11.95
CA HIS A 291 -15.19 30.69 -11.91
C HIS A 291 -15.26 30.11 -10.50
N ASP A 292 -16.47 29.86 -10.02
CA ASP A 292 -16.65 29.34 -8.67
C ASP A 292 -17.79 28.33 -8.58
N ASP A 293 -17.76 27.32 -9.44
CA ASP A 293 -18.73 26.23 -9.36
C ASP A 293 -18.20 25.10 -8.51
N ASP A 294 -18.76 24.94 -7.32
CA ASP A 294 -18.38 23.86 -6.42
C ASP A 294 -18.76 22.51 -7.04
N LEU A 295 -19.82 22.51 -7.85
CA LEU A 295 -20.27 21.33 -8.56
C LEU A 295 -19.27 20.91 -9.64
N SER A 296 -18.82 21.91 -10.39
CA SER A 296 -17.86 21.72 -11.45
C SER A 296 -16.51 21.25 -10.96
N VAL A 297 -16.03 21.85 -9.87
CA VAL A 297 -14.72 21.47 -9.34
C VAL A 297 -13.67 21.57 -10.43
N ARG A 298 -13.03 20.46 -10.79
CA ARG A 298 -12.07 20.51 -11.86
C ARG A 298 -12.91 20.60 -13.12
N HIS A 299 -12.74 21.70 -13.85
CA HIS A 299 -11.77 22.68 -13.40
C HIS A 299 -12.33 24.04 -13.04
N CYS A 300 -11.94 24.50 -11.87
CA CYS A 300 -11.91 25.90 -11.44
C CYS A 300 -10.49 26.35 -11.09
N THR A 301 -9.79 26.86 -12.10
CA THR A 301 -8.34 27.00 -12.04
C THR A 301 -7.86 28.43 -11.82
N ASN A 302 -6.92 28.59 -10.90
CA ASN A 302 -6.27 29.87 -10.62
C ASN A 302 -4.94 29.69 -9.90
N ALA A 303 -4.10 30.71 -9.93
CA ALA A 303 -2.76 30.63 -9.36
C ALA A 303 -2.75 30.87 -7.86
N TYR A 304 -1.73 30.34 -7.18
CA TYR A 304 -1.60 30.53 -5.73
C TYR A 304 -0.21 31.02 -5.35
N MET A 305 0.72 30.94 -6.30
CA MET A 305 2.08 31.41 -6.08
C MET A 305 2.70 31.89 -7.39
N LEU A 306 3.46 32.98 -7.31
CA LEU A 306 4.13 33.54 -8.49
C LEU A 306 5.60 33.78 -8.20
N VAL A 307 6.42 33.77 -9.25
CA VAL A 307 7.84 34.06 -9.11
C VAL A 307 8.30 35.10 -10.12
N TYR A 308 8.83 36.22 -9.63
CA TYR A 308 9.33 37.27 -10.50
C TYR A 308 10.85 37.40 -10.40
N ILE A 309 11.47 37.81 -11.50
CA ILE A 309 12.92 38.03 -11.53
C ILE A 309 13.23 39.44 -11.99
N ARG A 310 14.13 40.11 -11.28
CA ARG A 310 14.52 41.48 -11.60
C ARG A 310 15.15 41.54 -12.99
N GLU A 311 14.75 42.53 -13.78
CA GLU A 311 15.19 42.65 -15.17
C GLU A 311 16.70 42.85 -15.27
N SER A 312 17.27 43.52 -14.28
CA SER A 312 18.70 43.76 -14.24
C SER A 312 19.47 42.50 -13.85
N LYS A 313 18.91 41.74 -12.92
CA LYS A 313 19.53 40.51 -12.45
C LYS A 313 18.94 39.29 -13.15
N LEU A 314 18.47 39.48 -14.37
CA LEU A 314 17.83 38.41 -15.12
C LEU A 314 18.86 37.50 -15.81
N SER A 315 19.91 38.12 -16.34
CA SER A 315 20.93 37.37 -17.08
C SER A 315 21.82 36.54 -16.17
N GLU A 316 21.90 36.93 -14.91
CA GLU A 316 22.78 36.26 -13.96
C GLU A 316 22.09 35.09 -13.28
N VAL A 317 20.82 35.28 -12.90
CA VAL A 317 20.04 34.23 -12.25
C VAL A 317 19.80 33.07 -13.21
N LEU A 318 19.33 33.39 -14.42
CA LEU A 318 19.09 32.38 -15.44
C LEU A 318 20.34 32.11 -16.26
N GLN A 319 21.48 32.03 -15.57
CA GLN A 319 22.76 31.76 -16.21
C GLN A 319 22.77 30.37 -16.83
N ALA A 320 23.42 30.24 -17.98
CA ALA A 320 23.48 28.96 -18.68
C ALA A 320 24.17 27.89 -17.83
N VAL A 321 23.50 26.76 -17.67
CA VAL A 321 24.05 25.66 -16.88
C VAL A 321 24.57 24.54 -17.77
N THR A 322 25.89 24.42 -17.84
CA THR A 322 26.53 23.38 -18.64
C THR A 322 26.72 22.11 -17.83
N ASP A 323 27.00 21.00 -18.50
CA ASP A 323 27.19 19.73 -17.82
C ASP A 323 28.50 19.71 -17.03
N HIS A 324 29.38 20.66 -17.32
CA HIS A 324 30.66 20.76 -16.63
C HIS A 324 30.51 21.43 -15.27
N ASP A 325 29.30 21.93 -14.99
CA ASP A 325 29.03 22.61 -13.72
C ASP A 325 28.68 21.62 -12.62
N ILE A 326 28.75 20.33 -12.94
CA ILE A 326 28.48 19.28 -11.97
C ILE A 326 29.75 18.50 -11.65
N PRO A 327 30.16 18.53 -10.35
CA PRO A 327 31.35 17.81 -9.89
C PRO A 327 31.29 16.32 -10.20
N GLN A 328 32.42 15.74 -10.59
CA GLN A 328 32.48 14.33 -10.94
C GLN A 328 32.24 13.44 -9.73
N GLN A 329 32.53 13.98 -8.54
CA GLN A 329 32.24 13.27 -7.29
C GLN A 329 30.75 13.02 -7.16
N LEU A 330 29.98 14.05 -7.50
CA LEU A 330 28.52 13.95 -7.49
C LEU A 330 28.04 13.03 -8.60
N VAL A 331 28.59 13.21 -9.79
CA VAL A 331 28.19 12.41 -10.95
C VAL A 331 28.39 10.92 -10.69
N GLU A 332 29.64 10.51 -10.49
CA GLU A 332 29.99 9.11 -10.30
C GLU A 332 29.19 8.41 -9.20
N ARG A 333 28.82 9.17 -8.16
CA ARG A 333 28.03 8.61 -7.07
C ARG A 333 26.60 8.29 -7.52
N LEU A 334 25.98 9.22 -8.24
CA LEU A 334 24.63 9.03 -8.74
C LEU A 334 24.58 7.94 -9.81
N GLN A 335 25.64 7.84 -10.61
CA GLN A 335 25.72 6.81 -11.64
C GLN A 335 25.72 5.42 -11.00
N GLU A 336 26.37 5.29 -9.85
CA GLU A 336 26.47 4.01 -9.17
C GLU A 336 25.19 3.72 -8.37
N GLU A 337 24.52 4.78 -7.92
CA GLU A 337 23.22 4.64 -7.28
C GLU A 337 22.24 3.98 -8.24
N LYS A 338 22.31 4.36 -9.51
CA LYS A 338 21.40 3.83 -10.52
C LYS A 338 21.85 2.48 -11.04
N ARG A 339 23.16 2.24 -11.08
CA ARG A 339 23.69 0.96 -11.52
C ARG A 339 23.27 -0.14 -10.54
N ILE A 340 23.17 0.21 -9.27
CA ILE A 340 22.70 -0.72 -8.25
C ILE A 340 21.18 -0.86 -8.35
N GLU A 341 20.50 0.26 -8.58
CA GLU A 341 19.06 0.26 -8.74
C GLU A 341 18.62 -0.49 -9.99
N ALA A 342 19.33 -0.26 -11.10
CA ALA A 342 19.00 -0.93 -12.37
C ALA A 342 19.25 -2.43 -12.27
N GLN A 343 20.29 -2.81 -11.54
CA GLN A 343 20.60 -4.22 -11.34
C GLN A 343 19.54 -4.88 -10.48
N LYS A 344 19.11 -4.18 -9.44
CA LYS A 344 18.04 -4.66 -8.56
C LYS A 344 16.75 -4.92 -9.32
N ARG A 345 16.38 -4.02 -10.20
CA ARG A 345 15.16 -4.17 -10.96
C ARG A 345 15.22 -5.41 -11.84
N LYS A 346 16.37 -5.64 -12.44
CA LYS A 346 16.56 -6.82 -13.27
C LYS A 346 16.23 -8.08 -12.47
N GLU A 347 16.62 -8.07 -11.19
CA GLU A 347 16.33 -9.17 -10.29
C GLU A 347 14.84 -9.26 -10.01
N ARG A 348 14.21 -8.10 -9.89
CA ARG A 348 12.78 -8.04 -9.57
C ARG A 348 11.92 -8.35 -10.78
N GLN A 349 12.47 -8.14 -11.96
CA GLN A 349 11.83 -8.58 -13.20
C GLN A 349 11.91 -10.11 -13.28
N GLU A 350 12.90 -10.67 -12.60
CA GLU A 350 13.06 -12.12 -12.52
C GLU A 350 12.30 -12.68 -11.33
N ALA A 351 11.95 -11.82 -10.38
CA ALA A 351 11.02 -12.18 -9.32
C ALA A 351 9.65 -12.38 -9.95
N HIS A 352 9.39 -11.63 -11.01
CA HIS A 352 8.22 -11.85 -11.86
C HIS A 352 8.53 -13.00 -12.80
N LEU A 353 7.61 -13.26 -13.73
CA LEU A 353 7.73 -14.35 -14.72
C LEU A 353 8.32 -15.65 -14.15
N TYR A 354 8.00 -15.93 -12.88
CA TYR A 354 8.45 -17.13 -12.20
C TYR A 354 7.38 -17.62 -11.23
N MET A 355 7.12 -18.92 -11.24
CA MET A 355 6.16 -19.50 -10.32
C MET A 355 6.76 -20.69 -9.57
N GLN A 356 6.42 -20.82 -8.30
CA GLN A 356 6.91 -21.93 -7.48
C GLN A 356 5.83 -22.99 -7.33
N VAL A 357 6.19 -24.24 -7.61
CA VAL A 357 5.25 -25.35 -7.52
C VAL A 357 5.54 -26.22 -6.30
N GLN A 358 4.52 -26.47 -5.49
CA GLN A 358 4.68 -27.25 -4.27
C GLN A 358 4.32 -28.72 -4.50
N ILE A 359 5.28 -29.60 -4.27
CA ILE A 359 5.06 -31.03 -4.43
C ILE A 359 4.84 -31.70 -3.07
N VAL A 360 3.70 -32.35 -2.92
CA VAL A 360 3.38 -33.06 -1.69
C VAL A 360 3.33 -34.56 -1.94
N ALA A 361 3.95 -35.32 -1.04
CA ALA A 361 3.96 -36.78 -1.16
C ALA A 361 2.79 -37.40 -0.39
N GLU A 362 2.60 -38.70 -0.58
CA GLU A 362 1.48 -39.41 0.04
C GLU A 362 1.78 -39.75 1.50
N ASP A 363 3.03 -39.62 1.90
CA ASP A 363 3.42 -39.90 3.28
C ASP A 363 2.85 -38.84 4.21
N GLN A 364 2.52 -37.69 3.65
CA GLN A 364 1.91 -36.60 4.41
C GLN A 364 0.44 -36.91 4.72
N PHE A 365 -0.17 -37.75 3.87
CA PHE A 365 -1.58 -38.09 4.05
C PHE A 365 -1.76 -39.02 5.24
N CYS A 366 -0.70 -39.73 5.60
CA CYS A 366 -0.75 -40.70 6.68
C CYS A 366 -0.84 -40.03 8.04
N GLY A 367 -1.85 -40.41 8.82
CA GLY A 367 -2.01 -39.91 10.17
C GLY A 367 -2.91 -38.70 10.29
N HIS A 368 -3.37 -38.19 9.16
CA HIS A 368 -4.26 -37.03 9.14
C HIS A 368 -5.60 -37.37 9.79
N GLN A 369 -6.13 -36.43 10.57
CA GLN A 369 -7.38 -36.66 11.30
C GLN A 369 -8.49 -35.71 10.88
N GLY A 370 -8.13 -34.65 10.15
CA GLY A 370 -9.10 -33.68 9.68
C GLY A 370 -9.77 -34.12 8.39
N ASN A 371 -10.47 -33.20 7.75
CA ASN A 371 -11.11 -33.47 6.47
C ASN A 371 -10.09 -33.49 5.33
N ASP A 372 -10.40 -34.18 4.25
CA ASP A 372 -9.53 -34.13 3.11
C ASP A 372 -8.23 -34.83 3.38
N MET A 373 -7.31 -34.76 2.43
CA MET A 373 -6.04 -35.49 2.49
C MET A 373 -5.13 -35.04 3.61
N TYR A 374 -5.01 -33.73 3.78
CA TYR A 374 -4.00 -33.17 4.69
C TYR A 374 -4.43 -31.86 5.33
N ASP A 375 -3.77 -31.51 6.43
CA ASP A 375 -3.99 -30.24 7.10
C ASP A 375 -3.05 -29.19 6.51
N GLU A 376 -3.62 -28.10 6.00
CA GLU A 376 -2.87 -27.10 5.25
C GLU A 376 -1.70 -26.51 6.02
N GLU A 377 -1.79 -26.49 7.34
CA GLU A 377 -0.77 -25.87 8.17
C GLU A 377 0.31 -26.84 8.64
N LYS A 378 0.02 -28.14 8.53
CA LYS A 378 0.94 -29.16 9.04
C LYS A 378 1.70 -29.87 7.92
N VAL A 379 1.22 -29.71 6.69
CA VAL A 379 1.82 -30.38 5.54
C VAL A 379 3.19 -29.80 5.19
N LYS A 380 4.15 -30.68 4.92
CA LYS A 380 5.48 -30.27 4.48
C LYS A 380 5.66 -30.55 2.99
N TYR A 381 5.78 -29.50 2.20
CA TYR A 381 5.87 -29.63 0.75
C TYR A 381 7.29 -29.79 0.25
N THR A 382 7.42 -29.87 -1.07
CA THR A 382 8.72 -29.84 -1.74
C THR A 382 8.69 -28.78 -2.83
N VAL A 383 9.15 -27.58 -2.50
CA VAL A 383 9.02 -26.42 -3.39
C VAL A 383 10.07 -26.43 -4.51
N PHE A 384 9.63 -26.08 -5.72
CA PHE A 384 10.52 -25.99 -6.87
C PHE A 384 10.39 -24.63 -7.57
N LYS A 385 11.53 -24.06 -7.95
CA LYS A 385 11.56 -22.80 -8.69
C LYS A 385 11.41 -23.06 -10.18
N VAL A 386 10.24 -22.78 -10.73
CA VAL A 386 9.95 -23.12 -12.12
C VAL A 386 9.76 -21.88 -13.00
N LEU A 387 10.19 -21.97 -14.25
CA LEU A 387 9.90 -20.95 -15.24
C LEU A 387 8.40 -20.83 -15.43
N LYS A 388 7.90 -19.60 -15.53
CA LYS A 388 6.46 -19.36 -15.57
C LYS A 388 5.82 -19.97 -16.82
N ASN A 389 6.49 -19.86 -17.96
CA ASN A 389 5.95 -20.37 -19.20
C ASN A 389 6.71 -21.60 -19.70
N SER A 390 7.31 -22.34 -18.78
CA SER A 390 8.01 -23.57 -19.12
C SER A 390 7.01 -24.65 -19.54
N SER A 391 7.43 -25.51 -20.48
CA SER A 391 6.58 -26.59 -20.93
C SER A 391 6.41 -27.62 -19.81
N LEU A 392 5.35 -28.42 -19.91
CA LEU A 392 5.06 -29.42 -18.90
C LEU A 392 6.11 -30.50 -18.87
N ALA A 393 6.65 -30.84 -20.04
CA ALA A 393 7.66 -31.88 -20.17
C ALA A 393 8.97 -31.49 -19.49
N GLU A 394 9.31 -30.21 -19.53
CA GLU A 394 10.52 -29.71 -18.90
C GLU A 394 10.45 -29.82 -17.39
N PHE A 395 9.26 -29.62 -16.83
CA PHE A 395 9.07 -29.71 -15.38
C PHE A 395 9.24 -31.15 -14.90
N VAL A 396 8.66 -32.09 -15.65
CA VAL A 396 8.76 -33.50 -15.32
C VAL A 396 10.20 -33.99 -15.43
N GLN A 397 10.91 -33.48 -16.43
CA GLN A 397 12.30 -33.85 -16.64
C GLN A 397 13.17 -33.38 -15.49
N SER A 398 12.86 -32.19 -14.96
CA SER A 398 13.60 -31.61 -13.85
C SER A 398 13.22 -32.28 -12.53
N LEU A 399 12.03 -32.86 -12.49
CA LEU A 399 11.51 -33.48 -11.28
C LEU A 399 12.10 -34.88 -11.09
N SER A 400 12.48 -35.51 -12.20
CA SER A 400 12.99 -36.88 -12.17
C SER A 400 14.32 -36.99 -11.41
N GLN A 401 15.23 -36.06 -11.70
CA GLN A 401 16.57 -36.11 -11.10
C GLN A 401 16.55 -35.55 -9.68
N THR A 402 15.73 -34.52 -9.46
CA THR A 402 15.70 -33.83 -8.18
C THR A 402 15.00 -34.66 -7.11
N MET A 403 14.24 -35.67 -7.53
CA MET A 403 13.53 -36.52 -6.58
C MET A 403 14.14 -37.90 -6.47
N GLY A 404 14.96 -38.26 -7.45
CA GLY A 404 15.61 -39.56 -7.47
C GLY A 404 14.65 -40.67 -7.86
N PHE A 405 13.70 -40.33 -8.73
CA PHE A 405 12.75 -41.31 -9.24
C PHE A 405 12.70 -41.27 -10.76
N PRO A 406 12.45 -42.44 -11.39
CA PRO A 406 12.35 -42.52 -12.85
C PRO A 406 11.23 -41.63 -13.40
N GLN A 407 11.34 -41.25 -14.66
CA GLN A 407 10.37 -40.35 -15.29
C GLN A 407 9.14 -41.10 -15.77
N ASP A 408 9.12 -42.40 -15.53
CA ASP A 408 8.00 -43.24 -15.94
C ASP A 408 7.25 -43.80 -14.74
N GLN A 409 7.89 -43.77 -13.58
CA GLN A 409 7.33 -44.37 -12.37
C GLN A 409 6.68 -43.33 -11.46
N ILE A 410 6.27 -42.21 -12.03
CA ILE A 410 5.59 -41.16 -11.27
C ILE A 410 4.41 -40.57 -12.05
N ARG A 411 3.38 -40.14 -11.32
CA ARG A 411 2.24 -39.45 -11.94
C ARG A 411 1.94 -38.19 -11.16
N LEU A 412 1.69 -37.10 -11.89
CA LEU A 412 1.41 -35.81 -11.26
C LEU A 412 -0.08 -35.53 -11.17
N TRP A 413 -0.59 -35.47 -9.94
CA TRP A 413 -1.99 -35.16 -9.71
C TRP A 413 -2.12 -33.75 -9.12
N PRO A 414 -2.55 -32.79 -9.94
CA PRO A 414 -2.71 -31.40 -9.49
C PRO A 414 -3.79 -31.26 -8.42
N MET A 415 -3.59 -30.35 -7.48
CA MET A 415 -4.55 -30.14 -6.40
C MET A 415 -5.45 -28.94 -6.71
N GLN A 416 -6.70 -29.23 -7.08
CA GLN A 416 -7.66 -28.17 -7.43
C GLN A 416 -8.77 -28.06 -6.39
N ALA A 417 -9.03 -26.84 -5.94
CA ALA A 417 -10.11 -26.59 -4.99
C ALA A 417 -11.46 -26.62 -5.69
N ARG A 418 -12.37 -27.41 -5.15
CA ARG A 418 -13.68 -27.60 -5.77
C ARG A 418 -14.62 -26.44 -5.41
N SER A 419 -15.86 -26.53 -5.89
CA SER A 419 -16.84 -25.47 -5.73
C SER A 419 -17.28 -25.30 -4.27
N ASN A 420 -17.23 -26.39 -3.51
CA ASN A 420 -17.66 -26.35 -2.11
C ASN A 420 -16.49 -26.27 -1.12
N GLY A 421 -15.40 -25.65 -1.57
CA GLY A 421 -14.26 -25.38 -0.70
C GLY A 421 -13.56 -26.61 -0.17
N THR A 422 -13.26 -27.55 -1.06
CA THR A 422 -12.51 -28.74 -0.71
C THR A 422 -11.39 -28.98 -1.72
N LYS A 423 -10.14 -28.87 -1.28
CA LYS A 423 -9.01 -29.02 -2.19
C LYS A 423 -8.63 -30.49 -2.35
N ARG A 424 -9.06 -31.09 -3.47
CA ARG A 424 -8.83 -32.49 -3.74
C ARG A 424 -7.98 -32.66 -5.00
N PRO A 425 -7.19 -33.74 -5.06
CA PRO A 425 -6.35 -34.04 -6.22
C PRO A 425 -7.13 -34.15 -7.53
N ALA A 426 -6.84 -33.26 -8.47
CA ALA A 426 -7.45 -33.33 -9.79
C ALA A 426 -6.61 -34.20 -10.71
N MET A 427 -7.02 -34.32 -11.96
CA MET A 427 -6.28 -35.14 -12.92
C MET A 427 -5.71 -34.29 -14.04
N LEU A 428 -4.51 -34.66 -14.50
CA LEU A 428 -3.86 -34.00 -15.63
C LEU A 428 -2.82 -34.94 -16.25
N ASP A 429 -2.97 -35.24 -17.53
CA ASP A 429 -2.09 -36.19 -18.21
C ASP A 429 -0.77 -35.55 -18.63
N ASN A 430 0.27 -36.38 -18.73
CA ASN A 430 1.60 -35.91 -19.08
C ASN A 430 1.76 -35.57 -20.56
N GLU A 431 1.30 -36.49 -21.42
CA GLU A 431 1.47 -36.32 -22.86
C GLU A 431 0.36 -35.48 -23.49
N ALA A 432 -0.70 -35.23 -22.74
CA ALA A 432 -1.84 -34.47 -23.26
C ALA A 432 -1.51 -32.98 -23.35
N ASP A 433 -1.02 -32.41 -22.25
CA ASP A 433 -0.72 -30.99 -22.20
C ASP A 433 0.78 -30.75 -22.05
N GLY A 434 1.57 -31.50 -22.80
CA GLY A 434 3.02 -31.40 -22.72
C GLY A 434 3.58 -30.07 -23.20
N ASN A 435 3.12 -29.63 -24.38
CA ASN A 435 3.61 -28.38 -24.95
C ASN A 435 2.79 -27.18 -24.51
N LYS A 436 2.40 -27.16 -23.24
CA LYS A 436 1.67 -26.04 -22.68
C LYS A 436 2.45 -25.44 -21.50
N THR A 437 2.29 -24.14 -21.29
CA THR A 437 2.99 -23.44 -20.22
C THR A 437 2.43 -23.81 -18.85
N MET A 438 3.25 -23.65 -17.81
CA MET A 438 2.84 -24.00 -16.46
C MET A 438 1.80 -23.03 -15.92
N ILE A 439 1.87 -21.77 -16.35
CA ILE A 439 0.99 -20.74 -15.83
C ILE A 439 -0.42 -20.86 -16.41
N GLU A 440 -0.55 -21.55 -17.54
CA GLU A 440 -1.85 -21.75 -18.16
C GLU A 440 -2.40 -23.12 -17.78
N LEU A 441 -1.52 -24.00 -17.30
CA LEU A 441 -1.93 -25.29 -16.77
C LEU A 441 -2.40 -25.14 -15.33
N SER A 442 -1.79 -24.21 -14.61
CA SER A 442 -2.20 -23.90 -13.26
C SER A 442 -3.38 -22.94 -13.28
N ASP A 443 -3.64 -22.37 -14.47
CA ASP A 443 -4.69 -21.38 -14.65
C ASP A 443 -4.48 -20.18 -13.73
N ASN A 444 -3.37 -19.48 -13.95
CA ASN A 444 -3.02 -18.30 -13.16
C ASN A 444 -2.98 -18.57 -11.66
N GLU A 445 -2.36 -19.68 -11.28
CA GLU A 445 -2.25 -20.04 -9.87
C GLU A 445 -0.79 -20.10 -9.44
N ASN A 446 -0.45 -19.33 -8.41
CA ASN A 446 0.91 -19.26 -7.90
C ASN A 446 0.90 -18.84 -6.43
N PRO A 447 1.40 -19.71 -5.53
CA PRO A 447 2.02 -21.02 -5.81
C PRO A 447 1.01 -22.10 -6.18
N TRP A 448 1.49 -23.13 -6.88
CA TRP A 448 0.65 -24.23 -7.33
C TRP A 448 0.99 -25.52 -6.58
N THR A 449 -0.03 -26.21 -6.07
CA THR A 449 0.18 -27.44 -5.32
C THR A 449 -0.18 -28.67 -6.14
N ILE A 450 0.77 -29.61 -6.25
CA ILE A 450 0.56 -30.83 -7.03
C ILE A 450 0.93 -32.07 -6.22
N PHE A 451 0.03 -33.05 -6.21
CA PHE A 451 0.28 -34.31 -5.53
C PHE A 451 1.10 -35.26 -6.41
N LEU A 452 2.15 -35.82 -5.84
CA LEU A 452 3.03 -36.70 -6.59
C LEU A 452 2.86 -38.16 -6.18
N GLU A 453 2.37 -38.97 -7.10
CA GLU A 453 2.23 -40.40 -6.86
C GLU A 453 3.51 -41.13 -7.25
N THR A 454 4.08 -41.85 -6.29
CA THR A 454 5.34 -42.54 -6.52
C THR A 454 5.21 -44.03 -6.20
N VAL A 455 5.86 -44.86 -7.02
CA VAL A 455 5.84 -46.30 -6.81
C VAL A 455 6.50 -46.67 -5.48
N ASP A 456 5.84 -47.54 -4.73
CA ASP A 456 6.38 -48.05 -3.48
C ASP A 456 7.70 -48.78 -3.74
N PRO A 457 8.80 -48.29 -3.15
CA PRO A 457 10.14 -48.85 -3.32
C PRO A 457 10.26 -50.30 -2.85
N GLU A 458 9.29 -50.75 -2.06
CA GLU A 458 9.26 -52.13 -1.58
C GLU A 458 8.92 -53.08 -2.71
N LEU A 459 8.30 -52.55 -3.77
CA LEU A 459 7.95 -53.34 -4.95
C LEU A 459 8.78 -52.92 -6.15
N ALA A 460 9.21 -51.67 -6.17
CA ALA A 460 9.99 -51.13 -7.27
C ALA A 460 11.32 -51.87 -7.44
N ALA A 461 11.99 -52.15 -6.33
CA ALA A 461 13.24 -52.90 -6.35
C ALA A 461 12.99 -54.35 -6.76
N SER A 462 11.83 -54.87 -6.36
CA SER A 462 11.46 -56.24 -6.69
C SER A 462 11.07 -56.35 -8.16
N GLY A 463 10.56 -55.26 -8.71
CA GLY A 463 10.13 -55.22 -10.10
C GLY A 463 8.66 -54.89 -10.21
N ALA A 464 8.35 -53.60 -10.25
CA ALA A 464 6.97 -53.14 -10.35
C ALA A 464 6.88 -51.77 -11.02
N THR A 465 6.27 -51.73 -12.20
CA THR A 465 6.08 -50.49 -12.92
C THR A 465 4.74 -49.86 -12.56
N LEU A 466 4.68 -48.53 -12.54
CA LEU A 466 3.45 -47.83 -12.22
C LEU A 466 2.40 -48.08 -13.29
N PRO A 467 1.23 -48.60 -12.89
CA PRO A 467 0.14 -48.96 -13.80
C PRO A 467 -0.37 -47.78 -14.63
N LYS A 468 -1.03 -48.08 -15.75
CA LYS A 468 -1.54 -47.05 -16.64
C LYS A 468 -2.92 -46.59 -16.18
N PHE A 469 -3.17 -45.29 -16.31
CA PHE A 469 -4.47 -44.72 -15.93
C PHE A 469 -5.25 -44.26 -17.16
N ASP A 470 -6.43 -44.83 -17.34
CA ASP A 470 -7.29 -44.47 -18.46
C ASP A 470 -8.25 -43.36 -18.05
N LYS A 471 -8.00 -42.14 -18.50
CA LYS A 471 -8.80 -40.98 -18.14
C LYS A 471 -10.27 -41.16 -18.49
N ASP A 472 -10.52 -41.99 -19.50
CA ASP A 472 -11.87 -42.19 -20.02
C ASP A 472 -12.75 -43.04 -19.09
N HIS A 473 -12.21 -44.16 -18.63
CA HIS A 473 -13.01 -45.14 -17.89
C HIS A 473 -12.41 -45.57 -16.55
N ASP A 474 -11.35 -44.89 -16.12
CA ASP A 474 -10.77 -45.18 -14.81
C ASP A 474 -10.88 -43.97 -13.89
N VAL A 475 -11.03 -44.23 -12.59
CA VAL A 475 -11.13 -43.18 -11.60
C VAL A 475 -10.29 -43.52 -10.37
N MET A 476 -9.56 -42.54 -9.86
CA MET A 476 -8.76 -42.75 -8.67
C MET A 476 -9.51 -42.29 -7.42
N LEU A 477 -9.63 -43.19 -6.45
CA LEU A 477 -10.31 -42.88 -5.20
C LEU A 477 -9.36 -42.99 -4.02
N PHE A 478 -9.63 -42.23 -2.96
CA PHE A 478 -8.87 -42.33 -1.73
C PHE A 478 -9.70 -43.01 -0.65
N LEU A 479 -9.03 -43.76 0.22
CA LEU A 479 -9.73 -44.54 1.24
C LEU A 479 -9.33 -44.13 2.65
N LYS A 480 -10.31 -44.11 3.55
CA LYS A 480 -10.07 -43.85 4.96
C LYS A 480 -10.82 -44.84 5.83
N MET A 481 -10.11 -45.40 6.82
CA MET A 481 -10.73 -46.34 7.75
C MET A 481 -10.96 -45.68 9.10
N TYR A 482 -12.18 -45.82 9.62
CA TYR A 482 -12.53 -45.21 10.89
C TYR A 482 -12.62 -46.24 12.02
N ASP A 483 -11.93 -45.96 13.11
CA ASP A 483 -11.95 -46.83 14.28
C ASP A 483 -12.71 -46.16 15.42
N PRO A 484 -13.93 -46.54 15.67
CA PRO A 484 -14.67 -45.83 16.70
C PRO A 484 -14.01 -45.91 18.04
N LYS A 485 -13.47 -47.05 18.35
CA LYS A 485 -12.88 -47.20 19.68
C LYS A 485 -11.85 -46.10 19.97
N THR A 486 -10.94 -45.89 19.03
CA THR A 486 -9.91 -44.87 19.16
C THR A 486 -10.39 -43.51 18.69
N ARG A 487 -11.56 -43.49 18.05
CA ARG A 487 -12.16 -42.28 17.52
C ARG A 487 -11.21 -41.52 16.60
N SER A 488 -10.50 -42.26 15.76
CA SER A 488 -9.50 -41.67 14.88
C SER A 488 -9.61 -42.20 13.46
N LEU A 489 -9.09 -41.44 12.50
CA LEU A 489 -9.08 -41.84 11.10
C LEU A 489 -7.73 -42.43 10.69
N ASN A 490 -7.79 -43.57 10.01
CA ASN A 490 -6.57 -44.21 9.53
C ASN A 490 -6.53 -44.22 8.00
N TYR A 491 -5.49 -43.63 7.44
CA TYR A 491 -5.37 -43.51 5.99
C TYR A 491 -5.09 -44.88 5.36
N CYS A 492 -5.78 -45.17 4.26
CA CYS A 492 -5.62 -46.44 3.58
C CYS A 492 -5.21 -46.27 2.12
N GLY A 493 -4.40 -45.29 1.81
CA GLY A 493 -3.84 -45.22 0.49
C GLY A 493 -4.92 -44.91 -0.51
N HIS A 494 -4.60 -45.10 -1.77
CA HIS A 494 -5.53 -44.84 -2.86
C HIS A 494 -5.56 -46.03 -3.82
N ILE A 495 -6.59 -46.11 -4.63
CA ILE A 495 -6.70 -47.19 -5.60
C ILE A 495 -7.25 -46.71 -6.94
N TYR A 496 -6.70 -47.29 -8.01
CA TYR A 496 -7.25 -47.08 -9.34
C TYR A 496 -8.35 -48.11 -9.57
N THR A 497 -9.43 -47.69 -10.21
CA THR A 497 -10.56 -48.59 -10.44
C THR A 497 -11.43 -48.10 -11.59
N PRO A 498 -11.97 -49.04 -12.37
CA PRO A 498 -12.92 -48.72 -13.43
C PRO A 498 -14.14 -47.98 -12.88
N ILE A 499 -14.67 -47.04 -13.65
CA ILE A 499 -15.86 -46.29 -13.26
C ILE A 499 -17.06 -47.24 -13.17
N SER A 500 -17.09 -48.23 -14.03
CA SER A 500 -18.21 -49.17 -14.10
C SER A 500 -18.14 -50.23 -13.01
N CYS A 501 -17.08 -50.17 -12.18
CA CYS A 501 -16.89 -51.16 -11.12
C CYS A 501 -17.87 -50.94 -9.98
N LYS A 502 -18.53 -52.01 -9.55
CA LYS A 502 -19.46 -51.95 -8.44
C LYS A 502 -18.73 -51.75 -7.11
N ILE A 503 -19.39 -51.12 -6.16
CA ILE A 503 -18.85 -50.90 -4.82
C ILE A 503 -18.52 -52.24 -4.17
N ARG A 504 -19.37 -53.23 -4.42
CA ARG A 504 -19.20 -54.57 -3.89
C ARG A 504 -17.82 -55.15 -4.17
N ASP A 505 -17.34 -54.95 -5.39
CA ASP A 505 -16.07 -55.51 -5.81
C ASP A 505 -14.88 -54.77 -5.19
N LEU A 506 -15.15 -53.61 -4.61
CA LEU A 506 -14.11 -52.81 -3.96
C LEU A 506 -13.99 -53.12 -2.47
N LEU A 507 -14.96 -53.88 -1.97
CA LEU A 507 -15.00 -54.24 -0.55
C LEU A 507 -13.85 -55.15 -0.09
N PRO A 508 -13.50 -56.19 -0.87
CA PRO A 508 -12.38 -57.03 -0.41
C PRO A 508 -11.07 -56.26 -0.31
N VAL A 509 -10.93 -55.21 -1.13
CA VAL A 509 -9.72 -54.40 -1.11
C VAL A 509 -9.65 -53.58 0.18
N MET A 510 -10.79 -53.04 0.60
CA MET A 510 -10.86 -52.22 1.81
C MET A 510 -10.56 -53.03 3.06
N CYS A 511 -11.06 -54.26 3.11
CA CYS A 511 -10.84 -55.13 4.26
C CYS A 511 -9.36 -55.47 4.42
N ASP A 512 -8.72 -55.80 3.30
CA ASP A 512 -7.31 -56.17 3.30
C ASP A 512 -6.44 -54.96 3.62
N ARG A 513 -6.91 -53.78 3.23
CA ARG A 513 -6.18 -52.54 3.47
C ARG A 513 -6.08 -52.23 4.97
N ALA A 514 -7.17 -52.46 5.68
CA ALA A 514 -7.25 -52.14 7.11
C ALA A 514 -6.90 -53.35 7.97
N GLY A 515 -6.64 -54.48 7.33
CA GLY A 515 -6.28 -55.70 8.05
C GLY A 515 -7.48 -56.44 8.58
N PHE A 516 -8.49 -56.62 7.73
CA PHE A 516 -9.70 -57.34 8.11
C PHE A 516 -9.81 -58.66 7.35
N ILE A 517 -10.80 -59.47 7.72
CA ILE A 517 -11.09 -60.72 7.02
C ILE A 517 -11.95 -60.41 5.80
N GLN A 518 -11.93 -61.29 4.80
CA GLN A 518 -12.80 -61.14 3.64
C GLN A 518 -14.25 -61.37 4.03
N ASP A 519 -15.17 -60.86 3.21
CA ASP A 519 -16.61 -60.94 3.48
C ASP A 519 -16.97 -60.32 4.83
N THR A 520 -16.25 -59.27 5.20
CA THR A 520 -16.49 -58.57 6.46
C THR A 520 -17.48 -57.43 6.25
N SER A 521 -18.53 -57.41 7.07
CA SER A 521 -19.54 -56.35 6.99
C SER A 521 -18.92 -54.99 7.23
N LEU A 522 -19.10 -54.08 6.29
CA LEU A 522 -18.56 -52.73 6.39
C LEU A 522 -19.62 -51.66 6.20
N ILE A 523 -19.35 -50.46 6.70
CA ILE A 523 -20.23 -49.31 6.51
C ILE A 523 -19.47 -48.21 5.78
N LEU A 524 -19.91 -47.89 4.57
CA LEU A 524 -19.17 -46.97 3.72
C LEU A 524 -19.83 -45.59 3.64
N TYR A 525 -19.01 -44.55 3.79
CA TYR A 525 -19.47 -43.17 3.66
C TYR A 525 -18.63 -42.45 2.61
N GLU A 526 -19.21 -41.42 1.99
CA GLU A 526 -18.46 -40.58 1.07
C GLU A 526 -18.18 -39.22 1.69
N GLU A 527 -16.91 -38.91 1.89
CA GLU A 527 -16.53 -37.61 2.41
C GLU A 527 -16.67 -36.55 1.32
N VAL A 528 -17.83 -35.91 1.26
CA VAL A 528 -18.07 -34.90 0.24
C VAL A 528 -17.41 -33.58 0.60
N LYS A 529 -17.76 -33.10 1.79
CA LYS A 529 -17.22 -31.86 2.33
C LYS A 529 -17.38 -31.93 3.84
N PRO A 530 -16.83 -30.97 4.57
CA PRO A 530 -16.83 -31.08 6.01
C PRO A 530 -18.23 -31.06 6.51
N ASN A 531 -18.52 -31.98 7.39
CA ASN A 531 -19.80 -32.08 8.02
C ASN A 531 -20.79 -32.68 7.08
N LEU A 532 -20.37 -32.97 5.86
CA LEU A 532 -21.22 -33.68 4.96
C LEU A 532 -20.54 -34.98 4.73
N THR A 533 -21.18 -36.06 5.12
CA THR A 533 -20.60 -37.37 4.90
C THR A 533 -21.68 -38.37 4.55
N GLU A 534 -22.14 -38.30 3.31
CA GLU A 534 -23.26 -39.12 2.84
C GLU A 534 -22.89 -40.60 2.80
N ARG A 535 -23.85 -41.43 3.20
CA ARG A 535 -23.64 -42.88 3.29
C ARG A 535 -24.05 -43.57 1.99
N ILE A 536 -23.21 -44.50 1.53
CA ILE A 536 -23.52 -45.29 0.36
C ILE A 536 -24.64 -46.29 0.67
N GLN A 537 -25.79 -46.09 0.05
CA GLN A 537 -26.98 -46.89 0.35
C GLN A 537 -26.87 -48.32 -0.18
N ASP A 538 -26.65 -48.45 -1.47
CA ASP A 538 -26.52 -49.78 -2.09
C ASP A 538 -25.06 -50.06 -2.44
N TYR A 539 -24.61 -51.28 -2.16
CA TYR A 539 -23.24 -51.67 -2.46
C TYR A 539 -23.12 -52.33 -3.82
N ASP A 540 -24.23 -52.76 -4.38
CA ASP A 540 -24.18 -53.44 -5.67
C ASP A 540 -24.54 -52.50 -6.80
N VAL A 541 -23.96 -51.31 -6.77
CA VAL A 541 -24.10 -50.34 -7.84
C VAL A 541 -22.74 -49.79 -8.23
N SER A 542 -22.63 -49.29 -9.46
CA SER A 542 -21.36 -48.77 -9.97
C SER A 542 -20.91 -47.53 -9.21
N LEU A 543 -19.65 -47.14 -9.41
CA LEU A 543 -19.10 -45.95 -8.77
C LEU A 543 -19.79 -44.68 -9.25
N ASP A 544 -20.26 -44.71 -10.49
CA ASP A 544 -20.91 -43.54 -11.07
C ASP A 544 -22.29 -43.30 -10.46
N LYS A 545 -22.91 -44.36 -9.96
CA LYS A 545 -24.25 -44.28 -9.38
C LYS A 545 -24.21 -44.01 -7.88
N ALA A 546 -23.27 -44.68 -7.21
CA ALA A 546 -23.15 -44.56 -5.75
C ALA A 546 -22.78 -43.15 -5.33
N LEU A 547 -21.59 -42.72 -5.70
CA LEU A 547 -21.10 -41.38 -5.37
C LEU A 547 -21.74 -40.34 -6.30
N ASP A 548 -22.21 -39.24 -5.71
CA ASP A 548 -22.75 -38.16 -6.51
C ASP A 548 -21.58 -37.37 -7.12
N GLU A 549 -21.70 -37.07 -8.41
CA GLU A 549 -20.64 -36.40 -9.16
C GLU A 549 -19.30 -37.05 -8.93
N LEU A 550 -19.12 -38.24 -9.51
CA LEU A 550 -17.89 -39.02 -9.34
C LEU A 550 -16.72 -38.34 -10.01
N MET A 551 -15.65 -38.13 -9.24
CA MET A 551 -14.45 -37.50 -9.77
C MET A 551 -13.21 -38.13 -9.17
N ASP A 552 -12.06 -37.81 -9.76
CA ASP A 552 -10.78 -38.25 -9.23
C ASP A 552 -10.44 -37.45 -7.98
N GLY A 553 -10.05 -38.14 -6.92
CA GLY A 553 -9.71 -37.49 -5.67
C GLY A 553 -10.79 -37.62 -4.63
N ASP A 554 -11.86 -38.32 -4.98
CA ASP A 554 -12.96 -38.56 -4.04
C ASP A 554 -12.52 -39.48 -2.91
N ILE A 555 -13.14 -39.33 -1.75
CA ILE A 555 -12.77 -40.12 -0.58
C ILE A 555 -13.92 -41.00 -0.12
N ILE A 556 -13.61 -42.26 0.19
CA ILE A 556 -14.59 -43.16 0.75
C ILE A 556 -14.16 -43.61 2.14
N VAL A 557 -14.91 -43.20 3.15
CA VAL A 557 -14.60 -43.56 4.53
C VAL A 557 -15.42 -44.77 4.95
N PHE A 558 -14.74 -45.83 5.37
CA PHE A 558 -15.41 -47.06 5.75
C PHE A 558 -15.10 -47.44 7.20
N GLN A 559 -15.97 -48.24 7.79
CA GLN A 559 -15.78 -48.71 9.16
C GLN A 559 -16.40 -50.09 9.35
N LYS A 560 -16.00 -50.76 10.43
CA LYS A 560 -16.54 -52.08 10.72
C LYS A 560 -17.95 -51.99 11.29
N ASP A 561 -18.89 -52.70 10.68
CA ASP A 561 -20.25 -52.78 11.18
C ASP A 561 -20.31 -53.65 12.42
N ASP A 562 -20.43 -53.01 13.58
CA ASP A 562 -20.38 -53.73 14.85
C ASP A 562 -21.25 -53.05 15.89
N PRO A 563 -22.09 -53.83 16.59
CA PRO A 563 -22.96 -53.33 17.66
C PRO A 563 -22.19 -52.61 18.78
N GLU A 564 -20.90 -52.86 18.88
CA GLU A 564 -20.07 -52.23 19.90
C GLU A 564 -19.85 -50.75 19.61
N ASN A 565 -20.13 -50.33 18.38
CA ASN A 565 -20.00 -48.93 18.01
C ASN A 565 -20.97 -48.05 18.80
N ASP A 566 -22.13 -48.60 19.11
CA ASP A 566 -23.14 -47.88 19.90
C ASP A 566 -22.63 -47.62 21.31
N ASN A 567 -21.72 -48.48 21.77
CA ASN A 567 -21.13 -48.35 23.10
C ASN A 567 -19.90 -47.46 23.09
N SER A 568 -20.03 -46.30 22.45
CA SER A 568 -18.92 -45.36 22.34
C SER A 568 -19.42 -43.93 22.12
N GLU A 569 -18.52 -42.98 22.23
CA GLU A 569 -18.86 -41.57 22.04
C GLU A 569 -19.25 -41.29 20.60
N LEU A 570 -18.44 -41.79 19.66
CA LEU A 570 -18.68 -41.59 18.24
C LEU A 570 -18.78 -42.92 17.50
N PRO A 571 -20.01 -43.47 17.42
CA PRO A 571 -20.28 -44.75 16.76
C PRO A 571 -19.88 -44.77 15.29
N THR A 572 -20.48 -43.90 14.49
CA THR A 572 -20.21 -43.86 13.06
C THR A 572 -19.16 -42.81 12.72
N ALA A 573 -18.70 -42.84 11.47
CA ALA A 573 -17.73 -41.87 10.99
C ALA A 573 -18.41 -40.55 10.65
N LYS A 574 -19.71 -40.60 10.38
CA LYS A 574 -20.48 -39.41 10.06
C LYS A 574 -20.55 -38.48 11.27
N GLU A 575 -20.70 -39.08 12.44
CA GLU A 575 -20.75 -38.33 13.70
C GLU A 575 -19.41 -37.71 14.04
N TYR A 576 -18.34 -38.38 13.62
CA TYR A 576 -16.99 -37.89 13.86
C TYR A 576 -16.72 -36.60 13.11
N PHE A 577 -17.22 -36.52 11.88
CA PHE A 577 -17.02 -35.35 11.04
C PHE A 577 -17.91 -34.19 11.48
N ARG A 578 -18.89 -34.50 12.32
CA ARG A 578 -19.79 -33.48 12.83
C ARG A 578 -19.15 -32.73 13.98
N ASP A 579 -18.42 -33.47 14.82
CA ASP A 579 -17.67 -32.87 15.92
C ASP A 579 -16.58 -31.95 15.42
N LEU A 580 -15.77 -32.46 14.49
CA LEU A 580 -14.66 -31.71 13.92
C LEU A 580 -15.15 -30.42 13.26
N TYR A 581 -16.39 -30.44 12.81
CA TYR A 581 -17.00 -29.27 12.18
C TYR A 581 -17.58 -28.30 13.22
N HIS A 582 -18.16 -28.86 14.29
CA HIS A 582 -18.81 -28.05 15.32
C HIS A 582 -17.85 -27.58 16.42
N ARG A 583 -16.93 -28.45 16.83
CA ARG A 583 -15.94 -28.09 17.84
C ARG A 583 -15.08 -26.92 17.39
N VAL A 584 -14.78 -26.02 18.33
CA VAL A 584 -13.95 -24.86 18.06
C VAL A 584 -13.32 -24.34 19.34
N ASP A 585 -12.01 -24.14 19.32
CA ASP A 585 -11.30 -23.62 20.50
C ASP A 585 -11.31 -22.10 20.50
N VAL A 586 -12.08 -21.53 21.41
CA VAL A 586 -12.18 -20.07 21.53
C VAL A 586 -11.27 -19.54 22.63
N ILE A 587 -10.58 -18.45 22.35
CA ILE A 587 -9.70 -17.82 23.34
C ILE A 587 -10.40 -16.63 23.99
N PHE A 588 -10.55 -16.68 25.31
CA PHE A 588 -11.21 -15.61 26.05
C PHE A 588 -10.23 -14.78 26.86
N CYS A 589 -9.92 -13.59 26.36
CA CYS A 589 -9.04 -12.66 27.05
C CYS A 589 -9.85 -11.58 27.77
N ASP A 590 -9.39 -11.20 28.96
CA ASP A 590 -10.04 -10.15 29.73
C ASP A 590 -9.72 -8.78 29.15
N LYS A 591 -10.75 -7.97 28.96
CA LYS A 591 -10.60 -6.64 28.37
C LYS A 591 -9.81 -5.70 29.27
N THR A 592 -10.09 -5.76 30.57
CA THR A 592 -9.47 -4.84 31.53
C THR A 592 -8.00 -5.15 31.77
N ILE A 593 -7.62 -6.40 31.53
CA ILE A 593 -6.24 -6.83 31.74
C ILE A 593 -5.39 -6.62 30.49
N PRO A 594 -4.35 -5.79 30.60
CA PRO A 594 -3.44 -5.51 29.48
C PRO A 594 -2.62 -6.73 29.08
N ASN A 595 -2.68 -7.10 27.81
CA ASN A 595 -1.95 -8.25 27.27
C ASN A 595 -2.28 -9.54 28.02
N ASP A 596 -3.55 -9.75 28.30
CA ASP A 596 -4.01 -10.96 28.98
C ASP A 596 -3.76 -12.19 28.12
N PRO A 597 -3.01 -13.16 28.67
CA PRO A 597 -2.72 -14.42 27.97
C PRO A 597 -3.98 -15.15 27.55
N GLY A 598 -5.02 -15.09 28.37
CA GLY A 598 -6.29 -15.71 28.04
C GLY A 598 -6.32 -17.20 28.31
N PHE A 599 -7.41 -17.84 27.92
CA PHE A 599 -7.57 -19.27 28.14
C PHE A 599 -8.47 -19.87 27.07
N VAL A 600 -8.12 -21.06 26.58
CA VAL A 600 -8.89 -21.72 25.53
C VAL A 600 -10.07 -22.49 26.11
N VAL A 601 -11.19 -22.47 25.41
CA VAL A 601 -12.39 -23.21 25.81
C VAL A 601 -12.99 -23.93 24.61
N THR A 602 -13.23 -25.23 24.76
CA THR A 602 -13.83 -26.03 23.71
C THR A 602 -15.35 -25.83 23.67
N LEU A 603 -15.85 -25.24 22.59
CA LEU A 603 -17.27 -24.98 22.43
C LEU A 603 -17.81 -25.55 21.12
N SER A 604 -19.09 -25.29 20.86
CA SER A 604 -19.72 -25.70 19.61
C SER A 604 -20.17 -24.47 18.82
N ASN A 605 -20.18 -24.59 17.50
CA ASN A 605 -20.58 -23.47 16.65
C ASN A 605 -22.10 -23.27 16.63
N ARG A 606 -22.82 -24.11 17.35
CA ARG A 606 -24.27 -24.01 17.42
C ARG A 606 -24.75 -23.60 18.80
N MET A 607 -23.82 -23.09 19.62
CA MET A 607 -24.16 -22.62 20.96
C MET A 607 -24.66 -21.18 20.92
N ASN A 608 -25.80 -20.94 21.56
CA ASN A 608 -26.33 -19.59 21.71
C ASN A 608 -25.62 -18.85 22.84
N TYR A 609 -26.02 -17.61 23.09
CA TYR A 609 -25.40 -16.79 24.12
C TYR A 609 -25.46 -17.47 25.48
N PHE A 610 -26.58 -18.15 25.75
CA PHE A 610 -26.78 -18.84 27.01
C PHE A 610 -25.73 -19.93 27.23
N GLN A 611 -25.66 -20.87 26.29
CA GLN A 611 -24.76 -22.00 26.42
C GLN A 611 -23.29 -21.58 26.44
N VAL A 612 -22.96 -20.53 25.70
CA VAL A 612 -21.59 -20.03 25.67
C VAL A 612 -21.21 -19.41 27.02
N ALA A 613 -22.05 -18.49 27.49
CA ALA A 613 -21.79 -17.80 28.76
C ALA A 613 -21.77 -18.77 29.93
N LYS A 614 -22.67 -19.75 29.91
CA LYS A 614 -22.76 -20.74 30.97
C LYS A 614 -21.49 -21.57 31.07
N THR A 615 -20.86 -21.83 29.93
CA THR A 615 -19.64 -22.64 29.89
C THR A 615 -18.43 -21.84 30.34
N VAL A 616 -18.34 -20.60 29.89
CA VAL A 616 -17.22 -19.74 30.24
C VAL A 616 -17.27 -19.38 31.73
N ALA A 617 -18.48 -19.13 32.24
CA ALA A 617 -18.65 -18.85 33.66
C ALA A 617 -18.29 -20.07 34.50
N GLN A 618 -18.65 -21.24 34.00
CA GLN A 618 -18.26 -22.51 34.61
C GLN A 618 -16.74 -22.64 34.63
N ARG A 619 -16.12 -22.19 33.53
CA ARG A 619 -14.67 -22.22 33.39
C ARG A 619 -13.99 -21.24 34.36
N LEU A 620 -14.74 -20.22 34.77
CA LEU A 620 -14.20 -19.16 35.62
C LEU A 620 -14.78 -19.19 37.03
N ASN A 621 -15.58 -20.21 37.31
CA ASN A 621 -16.19 -20.41 38.63
C ASN A 621 -16.99 -19.19 39.11
N THR A 622 -17.85 -18.67 38.24
CA THR A 622 -18.65 -17.49 38.56
C THR A 622 -20.04 -17.56 37.95
N ASP A 623 -20.86 -16.55 38.23
CA ASP A 623 -22.20 -16.45 37.69
C ASP A 623 -22.16 -15.80 36.30
N PRO A 624 -22.87 -16.37 35.35
CA PRO A 624 -22.82 -15.85 34.01
C PRO A 624 -23.21 -14.40 33.94
N MET A 625 -24.16 -14.00 34.76
CA MET A 625 -24.67 -12.64 34.71
C MET A 625 -23.56 -11.62 34.98
N LEU A 626 -22.48 -12.06 35.60
CA LEU A 626 -21.37 -11.19 35.93
C LEU A 626 -20.35 -11.10 34.80
N LEU A 627 -20.71 -11.65 33.65
CA LEU A 627 -19.82 -11.63 32.49
C LEU A 627 -20.40 -10.79 31.36
N GLN A 628 -19.60 -9.87 30.84
CA GLN A 628 -20.00 -9.05 29.71
C GLN A 628 -19.07 -9.29 28.52
N PHE A 629 -19.57 -9.99 27.51
CA PHE A 629 -18.76 -10.29 26.34
C PHE A 629 -18.81 -9.15 25.33
N PHE A 630 -17.84 -9.13 24.43
CA PHE A 630 -17.74 -8.08 23.42
C PHE A 630 -17.71 -8.65 22.00
N LYS A 631 -18.50 -8.03 21.12
CA LYS A 631 -18.48 -8.38 19.71
C LYS A 631 -17.09 -8.06 19.14
N SER A 632 -16.49 -9.00 18.42
CA SER A 632 -15.10 -8.83 18.00
C SER A 632 -14.89 -8.50 16.54
N GLN A 633 -13.75 -7.92 16.22
CA GLN A 633 -13.27 -7.85 14.85
C GLN A 633 -11.83 -8.33 14.84
N GLY A 634 -11.53 -9.39 14.12
CA GLY A 634 -10.19 -9.95 14.16
C GLY A 634 -9.07 -9.06 13.63
N TYR A 635 -9.33 -8.43 12.48
CA TYR A 635 -8.32 -7.61 11.85
C TYR A 635 -7.98 -6.36 12.65
N ARG A 636 -9.01 -5.64 13.10
CA ARG A 636 -8.80 -4.53 14.02
C ARG A 636 -8.25 -5.02 15.36
N ASP A 637 -8.48 -6.29 15.65
CA ASP A 637 -7.98 -6.96 16.86
C ASP A 637 -8.47 -6.31 18.16
N GLY A 638 -9.38 -5.34 18.07
CA GLY A 638 -9.93 -4.69 19.24
C GLY A 638 -11.40 -5.03 19.43
N PRO A 639 -11.80 -5.29 20.69
CA PRO A 639 -13.19 -5.58 21.07
C PRO A 639 -14.12 -4.44 20.68
N GLY A 640 -15.06 -4.70 19.79
CA GLY A 640 -16.01 -3.66 19.39
C GLY A 640 -17.06 -3.38 20.44
N ASN A 641 -18.27 -3.06 20.00
CA ASN A 641 -19.39 -2.83 20.90
C ASN A 641 -19.70 -4.09 21.71
N PRO A 642 -20.00 -3.90 23.00
CA PRO A 642 -20.31 -5.03 23.90
C PRO A 642 -21.49 -5.86 23.41
N LEU A 643 -21.52 -7.13 23.79
CA LEU A 643 -22.55 -8.05 23.33
C LEU A 643 -23.70 -8.15 24.33
N ARG A 644 -24.91 -7.88 23.84
CA ARG A 644 -26.11 -7.98 24.66
C ARG A 644 -26.34 -9.42 25.13
N HIS A 645 -27.11 -9.57 26.20
CA HIS A 645 -27.36 -10.89 26.76
C HIS A 645 -28.58 -11.54 26.14
N ASN A 646 -29.30 -10.79 25.32
CA ASN A 646 -30.45 -11.34 24.61
C ASN A 646 -30.11 -11.66 23.15
N TYR A 647 -28.85 -11.98 22.92
CA TYR A 647 -28.37 -12.30 21.58
C TYR A 647 -28.95 -13.63 21.10
N GLU A 648 -29.68 -13.58 19.99
CA GLU A 648 -30.35 -14.76 19.47
C GLU A 648 -29.42 -15.67 18.68
N GLY A 649 -28.53 -15.06 17.91
CA GLY A 649 -27.61 -15.81 17.07
C GLY A 649 -26.68 -16.72 17.86
N THR A 650 -25.91 -17.53 17.16
CA THR A 650 -25.00 -18.48 17.80
C THR A 650 -23.54 -18.03 17.73
N LEU A 651 -22.66 -18.87 18.27
CA LEU A 651 -21.23 -18.58 18.31
C LEU A 651 -20.63 -18.47 16.92
N ARG A 652 -21.22 -19.20 15.98
CA ARG A 652 -20.77 -19.20 14.58
C ARG A 652 -20.86 -17.81 13.98
N ASP A 653 -21.93 -17.09 14.31
CA ASP A 653 -22.15 -15.75 13.78
C ASP A 653 -21.13 -14.76 14.33
N LEU A 654 -20.73 -14.96 15.58
CA LEU A 654 -19.81 -14.05 16.24
C LEU A 654 -18.38 -14.19 15.73
N LEU A 655 -18.12 -15.28 15.01
CA LEU A 655 -16.77 -15.56 14.53
C LEU A 655 -16.70 -15.59 13.01
N GLN A 656 -17.50 -14.74 12.36
CA GLN A 656 -17.49 -14.65 10.90
C GLN A 656 -16.38 -13.70 10.43
N PHE A 657 -15.88 -12.90 11.36
CA PHE A 657 -14.81 -11.95 11.06
C PHE A 657 -13.45 -12.66 11.07
N PHE A 658 -13.41 -13.83 11.70
CA PHE A 658 -12.17 -14.61 11.79
C PHE A 658 -12.05 -15.63 10.67
N LYS A 659 -10.94 -15.56 9.94
CA LYS A 659 -10.59 -16.57 8.95
C LYS A 659 -10.23 -17.89 9.66
N PRO A 660 -10.50 -19.02 9.00
CA PRO A 660 -10.19 -20.34 9.59
C PRO A 660 -8.70 -20.53 9.86
N ARG A 661 -7.86 -19.71 9.22
CA ARG A 661 -6.42 -19.76 9.41
C ARG A 661 -6.02 -19.23 10.79
N GLN A 662 -6.89 -18.41 11.38
CA GLN A 662 -6.58 -17.72 12.63
C GLN A 662 -7.27 -18.37 13.82
N PRO A 663 -6.59 -18.40 14.98
CA PRO A 663 -7.21 -18.87 16.23
C PRO A 663 -8.30 -17.92 16.71
N LYS A 664 -9.50 -18.44 16.89
CA LYS A 664 -10.63 -17.62 17.31
C LYS A 664 -10.41 -17.07 18.72
N LYS A 665 -10.80 -15.81 18.93
CA LYS A 665 -10.59 -15.16 20.21
C LYS A 665 -11.64 -14.08 20.50
N LEU A 666 -12.42 -14.31 21.56
CA LEU A 666 -13.40 -13.33 22.01
C LEU A 666 -12.93 -12.64 23.29
N TYR A 667 -13.38 -11.42 23.51
CA TYR A 667 -13.00 -10.65 24.70
C TYR A 667 -14.15 -10.51 25.68
N TYR A 668 -13.81 -10.42 26.96
CA TYR A 668 -14.81 -10.31 28.01
C TYR A 668 -14.28 -9.47 29.18
N GLN A 669 -15.14 -9.25 30.17
CA GLN A 669 -14.73 -8.57 31.40
C GLN A 669 -15.68 -8.92 32.54
N GLN A 670 -15.20 -8.80 33.77
CA GLN A 670 -16.00 -9.11 34.94
C GLN A 670 -16.85 -7.90 35.37
N LEU A 671 -18.01 -8.19 35.96
CA LEU A 671 -18.92 -7.15 36.40
C LEU A 671 -18.92 -7.03 37.92
#